data_2M8J
#
_entry.id   2M8J
#
_entity_poly.entity_id   1
_entity_poly.type   'polypeptide(L)'
_entity_poly.pdbx_seq_one_letter_code
;GLEHMADEEKLPPGWEKRMERSSGRVYYFNHITNASQWERPSG
;
_entity_poly.pdbx_strand_id   A
#
# COMPACT_ATOMS: atom_id res chain seq x y z
N GLY A 1 -1.03 -13.73 -8.07
CA GLY A 1 -1.51 -14.05 -9.42
C GLY A 1 -2.99 -14.35 -9.42
N LEU A 2 -3.57 -14.39 -10.63
CA LEU A 2 -4.98 -14.68 -10.88
C LEU A 2 -5.89 -13.66 -10.18
N GLU A 3 -5.54 -12.38 -10.29
CA GLU A 3 -6.25 -11.25 -9.72
C GLU A 3 -6.53 -10.24 -10.84
N HIS A 4 -6.94 -9.01 -10.49
CA HIS A 4 -7.22 -7.93 -11.44
C HIS A 4 -6.10 -6.90 -11.32
N MET A 5 -6.09 -5.88 -12.19
CA MET A 5 -5.06 -4.84 -12.17
C MET A 5 -5.72 -3.50 -11.88
N ALA A 6 -6.26 -3.31 -10.68
CA ALA A 6 -6.88 -2.07 -10.27
C ALA A 6 -5.75 -1.10 -9.93
N ASP A 7 -6.08 0.17 -9.69
CA ASP A 7 -5.07 1.16 -9.36
C ASP A 7 -4.59 1.02 -7.90
N GLU A 8 -5.17 0.07 -7.17
CA GLU A 8 -4.88 -0.31 -5.81
C GLU A 8 -3.54 -1.03 -5.76
N GLU A 9 -3.16 -1.67 -6.86
CA GLU A 9 -1.93 -2.44 -6.98
C GLU A 9 -0.71 -1.59 -7.36
N LYS A 10 -0.92 -0.38 -7.88
CA LYS A 10 0.17 0.50 -8.33
C LYS A 10 0.16 1.78 -7.52
N LEU A 11 0.59 1.68 -6.26
CA LEU A 11 0.62 2.79 -5.32
C LEU A 11 1.38 4.00 -5.87
N PRO A 12 1.01 5.22 -5.41
CA PRO A 12 1.65 6.45 -5.85
C PRO A 12 3.11 6.54 -5.43
N PRO A 13 3.85 7.53 -5.96
CA PRO A 13 5.23 7.71 -5.61
C PRO A 13 5.30 7.99 -4.10
N GLY A 14 6.26 7.32 -3.47
CA GLY A 14 6.56 7.36 -2.05
C GLY A 14 5.84 6.27 -1.27
N TRP A 15 4.67 5.84 -1.73
CA TRP A 15 3.91 4.81 -1.03
C TRP A 15 4.30 3.42 -1.53
N GLU A 16 4.15 2.45 -0.64
CA GLU A 16 4.44 1.03 -0.82
C GLU A 16 3.35 0.22 -0.13
N LYS A 17 2.75 -0.74 -0.83
CA LYS A 17 1.72 -1.62 -0.29
C LYS A 17 2.41 -2.80 0.37
N ARG A 18 2.37 -2.90 1.68
CA ARG A 18 3.00 -3.99 2.42
C ARG A 18 1.99 -4.70 3.30
N MET A 19 2.44 -5.68 4.07
CA MET A 19 1.62 -6.46 4.97
C MET A 19 2.31 -6.53 6.32
N GLU A 20 1.55 -6.40 7.40
CA GLU A 20 2.07 -6.45 8.76
C GLU A 20 2.45 -7.87 9.13
N ARG A 21 3.66 -8.06 9.64
CA ARG A 21 4.11 -9.39 10.07
C ARG A 21 3.43 -9.82 11.36
N SER A 22 2.94 -8.87 12.17
CA SER A 22 2.29 -9.17 13.43
C SER A 22 0.96 -9.90 13.22
N SER A 23 0.01 -9.35 12.45
CA SER A 23 -1.28 -10.00 12.22
C SER A 23 -1.51 -10.46 10.78
N GLY A 24 -0.70 -10.02 9.83
CA GLY A 24 -0.89 -10.38 8.44
C GLY A 24 -2.02 -9.52 7.91
N ARG A 25 -1.81 -8.20 7.86
CA ARG A 25 -2.81 -7.26 7.38
C ARG A 25 -2.14 -6.35 6.36
N VAL A 26 -2.68 -6.29 5.15
CA VAL A 26 -2.13 -5.46 4.07
C VAL A 26 -2.48 -4.01 4.37
N TYR A 27 -1.59 -3.08 4.00
CA TYR A 27 -1.72 -1.66 4.21
C TYR A 27 -0.76 -0.93 3.26
N TYR A 28 -0.70 0.40 3.35
CA TYR A 28 0.18 1.24 2.54
C TYR A 28 1.14 1.97 3.49
N PHE A 29 2.39 2.18 3.09
CA PHE A 29 3.43 2.85 3.86
C PHE A 29 4.15 3.85 2.98
N ASN A 30 4.22 5.11 3.40
CA ASN A 30 4.89 6.19 2.69
C ASN A 30 6.32 6.33 3.20
N HIS A 31 7.31 5.88 2.43
CA HIS A 31 8.71 5.97 2.84
C HIS A 31 9.24 7.40 2.83
N ILE A 32 8.55 8.34 2.16
CA ILE A 32 9.00 9.72 2.06
C ILE A 32 8.90 10.40 3.41
N THR A 33 7.78 10.21 4.10
CA THR A 33 7.55 10.87 5.38
C THR A 33 7.39 9.87 6.51
N ASN A 34 7.66 8.59 6.25
CA ASN A 34 7.57 7.52 7.23
C ASN A 34 6.15 7.47 7.80
N ALA A 35 5.17 7.44 6.91
CA ALA A 35 3.76 7.39 7.23
C ALA A 35 3.18 6.07 6.72
N SER A 36 1.91 5.82 6.99
CA SER A 36 1.20 4.64 6.57
C SER A 36 -0.29 4.87 6.71
N GLN A 37 -1.07 4.15 5.90
CA GLN A 37 -2.52 4.22 5.92
C GLN A 37 -3.08 2.93 5.30
N TRP A 38 -4.38 2.71 5.42
CA TRP A 38 -5.10 1.56 4.89
C TRP A 38 -5.89 1.94 3.65
N GLU A 39 -6.34 3.21 3.56
CA GLU A 39 -7.07 3.71 2.42
C GLU A 39 -6.10 4.04 1.29
N ARG A 40 -6.51 3.91 0.03
CA ARG A 40 -5.68 4.18 -1.14
C ARG A 40 -5.17 5.63 -1.11
N PRO A 41 -3.85 5.87 -0.95
CA PRO A 41 -3.26 7.20 -0.93
C PRO A 41 -3.26 7.81 -2.34
N SER A 42 -2.77 9.04 -2.44
CA SER A 42 -2.69 9.79 -3.67
C SER A 42 -1.51 10.76 -3.63
N GLY A 43 -0.55 10.53 -4.52
CA GLY A 43 0.64 11.36 -4.70
C GLY A 43 0.31 12.32 -5.83
N GLY A 1 -2.73 -10.41 -21.83
CA GLY A 1 -2.69 -11.69 -21.11
C GLY A 1 -3.72 -11.75 -19.99
N LEU A 2 -3.45 -11.09 -18.87
CA LEU A 2 -4.32 -11.06 -17.70
C LEU A 2 -5.48 -10.12 -18.01
N GLU A 3 -6.64 -10.68 -18.35
CA GLU A 3 -7.82 -9.89 -18.68
C GLU A 3 -8.41 -9.30 -17.39
N HIS A 4 -8.60 -10.15 -16.38
CA HIS A 4 -9.16 -9.81 -15.07
C HIS A 4 -8.28 -8.94 -14.16
N MET A 5 -7.06 -8.55 -14.53
CA MET A 5 -6.22 -7.73 -13.64
C MET A 5 -6.81 -6.34 -13.43
N ALA A 6 -6.25 -5.58 -12.50
CA ALA A 6 -6.65 -4.22 -12.18
C ALA A 6 -5.41 -3.39 -11.88
N ASP A 7 -5.58 -2.07 -11.76
CA ASP A 7 -4.51 -1.14 -11.47
C ASP A 7 -4.72 -0.42 -10.14
N GLU A 8 -5.94 -0.42 -9.61
CA GLU A 8 -6.29 0.20 -8.34
C GLU A 8 -5.53 -0.47 -7.17
N GLU A 9 -4.98 -1.66 -7.42
CA GLU A 9 -4.23 -2.53 -6.53
C GLU A 9 -2.75 -2.10 -6.45
N LYS A 10 -2.35 -1.11 -7.26
CA LYS A 10 -1.00 -0.57 -7.32
C LYS A 10 -0.93 0.72 -6.54
N LEU A 11 -0.28 0.67 -5.38
CA LEU A 11 -0.13 1.87 -4.56
C LEU A 11 0.68 2.93 -5.32
N PRO A 12 0.52 4.21 -4.97
CA PRO A 12 1.22 5.32 -5.59
C PRO A 12 2.72 5.32 -5.27
N PRO A 13 3.51 6.12 -6.02
CA PRO A 13 4.95 6.21 -5.84
C PRO A 13 5.31 6.82 -4.49
N GLY A 14 5.98 6.03 -3.66
CA GLY A 14 6.43 6.36 -2.32
C GLY A 14 5.72 5.51 -1.29
N TRP A 15 4.47 5.12 -1.59
CA TRP A 15 3.68 4.30 -0.71
C TRP A 15 3.90 2.84 -1.05
N GLU A 16 3.89 2.00 -0.04
CA GLU A 16 4.11 0.57 -0.12
C GLU A 16 3.18 -0.19 0.82
N LYS A 17 2.40 -1.11 0.25
CA LYS A 17 1.45 -1.96 0.96
C LYS A 17 2.21 -3.04 1.71
N ARG A 18 2.31 -2.93 3.02
CA ARG A 18 3.02 -3.89 3.86
C ARG A 18 2.05 -4.51 4.84
N MET A 19 2.54 -5.40 5.70
CA MET A 19 1.75 -6.07 6.71
C MET A 19 2.53 -6.07 8.02
N GLU A 20 1.84 -5.77 9.12
CA GLU A 20 2.45 -5.71 10.44
C GLU A 20 2.83 -7.10 10.92
N ARG A 21 4.05 -7.29 11.41
CA ARG A 21 4.50 -8.60 11.89
C ARG A 21 3.89 -8.99 13.24
N SER A 22 3.52 -8.01 14.07
CA SER A 22 2.96 -8.24 15.39
C SER A 22 1.58 -8.93 15.36
N SER A 23 0.71 -8.54 14.42
CA SER A 23 -0.65 -9.09 14.31
C SER A 23 -1.04 -9.57 12.91
N GLY A 24 -0.30 -9.17 11.87
CA GLY A 24 -0.59 -9.59 10.52
C GLY A 24 -1.71 -8.72 10.00
N ARG A 25 -1.53 -7.39 10.05
CA ARG A 25 -2.53 -6.44 9.60
C ARG A 25 -1.93 -5.68 8.43
N VAL A 26 -2.53 -5.79 7.25
CA VAL A 26 -2.07 -5.11 6.04
C VAL A 26 -2.31 -3.62 6.24
N TYR A 27 -1.42 -2.78 5.72
CA TYR A 27 -1.45 -1.33 5.83
C TYR A 27 -0.64 -0.72 4.69
N TYR A 28 -0.58 0.60 4.61
CA TYR A 28 0.16 1.34 3.61
C TYR A 28 1.24 2.14 4.32
N PHE A 29 2.44 2.25 3.74
CA PHE A 29 3.58 2.95 4.33
C PHE A 29 4.24 3.84 3.30
N ASN A 30 4.40 5.13 3.60
CA ASN A 30 5.05 6.09 2.70
C ASN A 30 6.50 6.31 3.08
N HIS A 31 7.47 5.87 2.29
CA HIS A 31 8.87 6.08 2.65
C HIS A 31 9.31 7.54 2.41
N ILE A 32 8.53 8.32 1.65
CA ILE A 32 8.86 9.72 1.33
C ILE A 32 8.84 10.57 2.60
N THR A 33 7.92 10.27 3.49
CA THR A 33 7.73 10.97 4.76
C THR A 33 7.83 10.02 5.95
N ASN A 34 8.12 8.73 5.72
CA ASN A 34 8.22 7.72 6.77
C ASN A 34 6.88 7.73 7.52
N ALA A 35 5.79 7.80 6.75
CA ALA A 35 4.41 7.84 7.19
C ALA A 35 3.74 6.50 6.89
N SER A 36 2.50 6.34 7.31
CA SER A 36 1.70 5.16 7.12
C SER A 36 0.24 5.43 7.44
N GLN A 37 -0.65 4.67 6.80
CA GLN A 37 -2.08 4.76 6.99
C GLN A 37 -2.71 3.47 6.45
N TRP A 38 -4.02 3.29 6.65
CA TRP A 38 -4.78 2.14 6.18
C TRP A 38 -5.61 2.54 4.95
N GLU A 39 -5.97 3.82 4.81
CA GLU A 39 -6.75 4.35 3.68
C GLU A 39 -5.88 4.45 2.44
N ARG A 40 -6.46 4.25 1.24
CA ARG A 40 -5.72 4.30 -0.03
C ARG A 40 -5.13 5.69 -0.28
N PRO A 41 -3.80 5.84 -0.30
CA PRO A 41 -3.14 7.12 -0.57
C PRO A 41 -3.15 7.44 -2.07
N SER A 42 -2.66 8.63 -2.44
CA SER A 42 -2.59 9.09 -3.81
C SER A 42 -1.40 10.04 -4.00
N GLY A 43 -0.41 9.60 -4.78
CA GLY A 43 0.80 10.32 -5.13
C GLY A 43 0.46 11.28 -6.25
N GLY A 1 -14.26 -18.68 -13.20
CA GLY A 1 -13.42 -17.64 -12.57
C GLY A 1 -12.89 -16.69 -13.62
N LEU A 2 -12.13 -15.68 -13.20
CA LEU A 2 -11.55 -14.69 -14.10
C LEU A 2 -10.27 -14.12 -13.50
N GLU A 3 -9.59 -13.28 -14.27
CA GLU A 3 -8.36 -12.63 -13.86
C GLU A 3 -8.26 -11.32 -14.67
N HIS A 4 -7.53 -10.33 -14.16
CA HIS A 4 -7.32 -9.06 -14.81
C HIS A 4 -6.05 -8.44 -14.23
N MET A 5 -5.37 -7.57 -15.00
CA MET A 5 -4.18 -6.90 -14.50
C MET A 5 -4.62 -5.89 -13.44
N ALA A 6 -3.70 -5.37 -12.64
CA ALA A 6 -4.01 -4.41 -11.59
C ALA A 6 -3.01 -3.27 -11.63
N ASP A 7 -3.25 -2.31 -12.51
CA ASP A 7 -2.39 -1.13 -12.66
C ASP A 7 -2.69 -0.20 -11.50
N GLU A 8 -3.93 -0.25 -11.03
CA GLU A 8 -4.46 0.51 -9.93
C GLU A 8 -3.85 0.07 -8.60
N GLU A 9 -3.17 -1.08 -8.57
CA GLU A 9 -2.54 -1.61 -7.37
C GLU A 9 -1.13 -1.04 -7.18
N LYS A 10 -0.62 -0.30 -8.17
CA LYS A 10 0.70 0.32 -8.09
C LYS A 10 0.54 1.53 -7.19
N LEU A 11 0.90 1.41 -5.90
CA LEU A 11 0.79 2.50 -4.93
C LEU A 11 1.42 3.80 -5.45
N PRO A 12 0.93 4.97 -5.01
CA PRO A 12 1.43 6.25 -5.45
C PRO A 12 2.89 6.51 -5.01
N PRO A 13 3.54 7.50 -5.64
CA PRO A 13 4.92 7.86 -5.37
C PRO A 13 5.11 8.28 -3.92
N GLY A 14 5.82 7.47 -3.13
CA GLY A 14 6.11 7.69 -1.72
C GLY A 14 5.44 6.66 -0.81
N TRP A 15 4.33 6.07 -1.23
CA TRP A 15 3.65 5.05 -0.44
C TRP A 15 4.19 3.69 -0.84
N GLU A 16 4.22 2.77 0.11
CA GLU A 16 4.71 1.42 0.01
C GLU A 16 3.76 0.48 0.74
N LYS A 17 3.27 -0.55 0.06
CA LYS A 17 2.39 -1.54 0.63
C LYS A 17 3.25 -2.53 1.40
N ARG A 18 3.04 -2.65 2.71
CA ARG A 18 3.78 -3.55 3.59
C ARG A 18 2.80 -4.42 4.37
N MET A 19 3.33 -5.26 5.25
CA MET A 19 2.58 -6.15 6.11
C MET A 19 3.24 -6.12 7.49
N GLU A 20 2.43 -6.07 8.53
CA GLU A 20 2.87 -6.05 9.91
C GLU A 20 3.41 -7.44 10.24
N ARG A 21 4.68 -7.60 10.58
CA ARG A 21 5.20 -8.94 10.91
C ARG A 21 4.67 -9.38 12.27
N SER A 22 4.33 -8.42 13.13
CA SER A 22 3.79 -8.65 14.47
C SER A 22 2.55 -9.54 14.42
N SER A 23 1.52 -9.14 13.65
CA SER A 23 0.26 -9.87 13.55
C SER A 23 -0.09 -10.36 12.14
N GLY A 24 0.55 -9.86 11.09
CA GLY A 24 0.31 -10.26 9.72
C GLY A 24 -0.90 -9.53 9.14
N ARG A 25 -0.83 -8.20 9.09
CA ARG A 25 -1.92 -7.40 8.54
C ARG A 25 -1.31 -6.46 7.52
N VAL A 26 -1.86 -6.40 6.31
CA VAL A 26 -1.38 -5.58 5.22
C VAL A 26 -1.82 -4.13 5.43
N TYR A 27 -1.00 -3.16 5.02
CA TYR A 27 -1.25 -1.73 5.14
C TYR A 27 -0.33 -0.94 4.21
N TYR A 28 -0.44 0.39 4.19
CA TYR A 28 0.37 1.28 3.37
C TYR A 28 1.24 2.14 4.26
N PHE A 29 2.44 2.47 3.79
CA PHE A 29 3.42 3.25 4.53
C PHE A 29 4.06 4.28 3.61
N ASN A 30 4.02 5.55 4.00
CA ASN A 30 4.58 6.66 3.24
C ASN A 30 6.01 6.93 3.67
N HIS A 31 7.01 6.47 2.91
CA HIS A 31 8.42 6.68 3.25
C HIS A 31 8.88 8.14 3.10
N ILE A 32 8.08 9.00 2.48
CA ILE A 32 8.42 10.41 2.31
C ILE A 32 8.26 11.14 3.63
N THR A 33 7.20 10.86 4.41
CA THR A 33 7.00 11.58 5.67
C THR A 33 6.88 10.63 6.86
N ASN A 34 7.14 9.34 6.62
CA ASN A 34 7.07 8.26 7.62
C ASN A 34 5.63 8.05 8.11
N ALA A 35 4.64 8.39 7.28
CA ALA A 35 3.21 8.21 7.60
C ALA A 35 2.82 6.80 7.18
N SER A 36 1.56 6.43 7.41
CA SER A 36 0.99 5.15 7.09
C SER A 36 -0.53 5.24 7.18
N GLN A 37 -1.24 4.36 6.49
CA GLN A 37 -2.69 4.27 6.51
C GLN A 37 -3.09 2.90 5.93
N TRP A 38 -4.37 2.57 5.97
CA TRP A 38 -4.92 1.32 5.44
C TRP A 38 -5.65 1.58 4.13
N GLU A 39 -6.26 2.76 3.97
CA GLU A 39 -6.97 3.10 2.74
C GLU A 39 -5.96 3.41 1.62
N ARG A 40 -6.37 3.19 0.37
CA ARG A 40 -5.49 3.46 -0.78
C ARG A 40 -5.21 4.96 -0.89
N PRO A 41 -3.96 5.40 -0.75
CA PRO A 41 -3.55 6.80 -0.84
C PRO A 41 -3.57 7.30 -2.29
N SER A 42 -3.20 8.56 -2.49
CA SER A 42 -3.15 9.21 -3.79
C SER A 42 -2.10 10.32 -3.77
N GLY A 43 -1.02 10.15 -4.53
CA GLY A 43 0.06 11.13 -4.64
C GLY A 43 -0.19 11.94 -5.88
N GLY A 1 -8.40 -4.99 -16.17
CA GLY A 1 -7.01 -5.24 -16.57
C GLY A 1 -6.96 -6.28 -17.67
N LEU A 2 -5.81 -6.48 -18.32
CA LEU A 2 -5.63 -7.44 -19.41
C LEU A 2 -6.10 -8.84 -19.01
N GLU A 3 -5.64 -9.33 -17.85
CA GLU A 3 -6.00 -10.65 -17.33
C GLU A 3 -6.30 -10.51 -15.84
N HIS A 4 -7.47 -9.95 -15.50
CA HIS A 4 -7.96 -9.72 -14.14
C HIS A 4 -7.07 -8.85 -13.24
N MET A 5 -5.94 -8.38 -13.76
CA MET A 5 -4.96 -7.55 -13.06
C MET A 5 -5.62 -6.24 -12.64
N ALA A 6 -5.63 -5.94 -11.35
CA ALA A 6 -6.20 -4.70 -10.83
C ALA A 6 -5.07 -3.71 -10.66
N ASP A 7 -4.99 -2.70 -11.53
CA ASP A 7 -3.95 -1.65 -11.46
C ASP A 7 -4.21 -0.82 -10.20
N GLU A 8 -5.48 -0.78 -9.76
CA GLU A 8 -5.92 -0.07 -8.56
C GLU A 8 -5.19 -0.66 -7.34
N GLU A 9 -4.82 -1.94 -7.40
CA GLU A 9 -4.12 -2.65 -6.33
C GLU A 9 -2.66 -2.23 -6.26
N LYS A 10 -2.13 -1.60 -7.30
CA LYS A 10 -0.74 -1.14 -7.37
C LYS A 10 -0.76 0.24 -6.74
N LEU A 11 -0.24 0.33 -5.52
CA LEU A 11 -0.17 1.56 -4.76
C LEU A 11 0.54 2.67 -5.55
N PRO A 12 0.26 3.94 -5.21
CA PRO A 12 0.85 5.09 -5.87
C PRO A 12 2.35 5.21 -5.63
N PRO A 13 3.04 6.11 -6.36
CA PRO A 13 4.46 6.30 -6.23
C PRO A 13 4.85 6.79 -4.84
N GLY A 14 5.57 5.96 -4.09
CA GLY A 14 6.05 6.26 -2.74
C GLY A 14 5.40 5.39 -1.67
N TRP A 15 4.17 4.94 -1.89
CA TRP A 15 3.47 4.12 -0.92
C TRP A 15 3.75 2.65 -1.23
N GLU A 16 3.78 1.83 -0.20
CA GLU A 16 4.05 0.41 -0.23
C GLU A 16 3.09 -0.32 0.70
N LYS A 17 2.41 -1.33 0.19
CA LYS A 17 1.50 -2.14 1.00
C LYS A 17 2.35 -3.12 1.78
N ARG A 18 2.26 -3.07 3.10
CA ARG A 18 3.01 -3.93 4.02
C ARG A 18 2.04 -4.57 4.98
N MET A 19 2.58 -5.41 5.86
CA MET A 19 1.85 -6.12 6.88
C MET A 19 2.64 -5.92 8.17
N GLU A 20 1.91 -5.60 9.23
CA GLU A 20 2.43 -5.34 10.56
C GLU A 20 2.90 -6.64 11.16
N ARG A 21 4.21 -6.88 11.30
CA ARG A 21 4.69 -8.12 11.90
C ARG A 21 4.37 -8.14 13.41
N SER A 22 3.89 -7.00 13.95
CA SER A 22 3.49 -6.77 15.32
C SER A 22 2.25 -7.60 15.68
N SER A 23 1.23 -7.59 14.82
CA SER A 23 -0.03 -8.31 15.02
C SER A 23 -0.54 -9.05 13.79
N GLY A 24 -0.08 -8.68 12.60
CA GLY A 24 -0.47 -9.28 11.34
C GLY A 24 -1.67 -8.55 10.77
N ARG A 25 -1.48 -7.29 10.36
CA ARG A 25 -2.54 -6.48 9.77
C ARG A 25 -1.94 -5.81 8.54
N VAL A 26 -2.65 -5.78 7.42
CA VAL A 26 -2.15 -5.17 6.19
C VAL A 26 -2.42 -3.66 6.28
N TYR A 27 -1.51 -2.85 5.75
CA TYR A 27 -1.59 -1.39 5.77
C TYR A 27 -0.70 -0.85 4.65
N TYR A 28 -0.64 0.47 4.49
CA TYR A 28 0.15 1.15 3.49
C TYR A 28 1.20 1.99 4.22
N PHE A 29 2.39 2.13 3.63
CA PHE A 29 3.51 2.86 4.20
C PHE A 29 4.16 3.72 3.14
N ASN A 30 4.37 5.01 3.38
CA ASN A 30 4.99 5.91 2.42
C ASN A 30 6.48 6.05 2.72
N HIS A 31 7.36 5.50 1.89
CA HIS A 31 8.81 5.61 2.14
C HIS A 31 9.35 7.03 1.90
N ILE A 32 8.55 7.92 1.32
CA ILE A 32 8.99 9.30 1.06
C ILE A 32 9.07 10.07 2.38
N THR A 33 8.08 9.91 3.26
CA THR A 33 8.03 10.61 4.54
C THR A 33 7.91 9.65 5.73
N ASN A 34 8.07 8.33 5.53
CA ASN A 34 7.95 7.34 6.60
C ASN A 34 6.51 7.36 7.16
N ALA A 35 5.53 7.81 6.37
CA ALA A 35 4.13 7.84 6.77
C ALA A 35 3.58 6.43 6.62
N SER A 36 2.34 6.25 7.05
CA SER A 36 1.62 5.00 7.00
C SER A 36 0.16 5.29 7.25
N GLN A 37 -0.72 4.58 6.54
CA GLN A 37 -2.16 4.68 6.68
C GLN A 37 -2.79 3.37 6.21
N TRP A 38 -4.09 3.24 6.42
CA TRP A 38 -4.88 2.07 6.05
C TRP A 38 -5.71 2.33 4.80
N GLU A 39 -6.10 3.59 4.58
CA GLU A 39 -6.89 4.03 3.44
C GLU A 39 -6.03 3.97 2.18
N ARG A 40 -6.61 3.71 1.00
CA ARG A 40 -5.91 3.64 -0.28
C ARG A 40 -5.39 5.04 -0.65
N PRO A 41 -4.07 5.30 -0.60
CA PRO A 41 -3.47 6.60 -0.87
C PRO A 41 -3.48 7.00 -2.35
N SER A 42 -2.95 8.19 -2.61
CA SER A 42 -2.81 8.85 -3.89
C SER A 42 -1.53 9.68 -3.78
N GLY A 43 -0.55 9.38 -4.63
CA GLY A 43 0.77 10.01 -4.75
C GLY A 43 1.01 10.35 -6.21
N GLY A 1 -11.46 -12.69 -7.02
CA GLY A 1 -10.19 -11.96 -7.03
C GLY A 1 -9.28 -12.46 -8.12
N LEU A 2 -9.50 -11.99 -9.34
CA LEU A 2 -8.77 -12.32 -10.55
C LEU A 2 -8.96 -11.12 -11.48
N GLU A 3 -8.11 -10.96 -12.49
CA GLU A 3 -8.18 -9.83 -13.43
C GLU A 3 -7.99 -8.48 -12.69
N HIS A 4 -7.51 -8.54 -11.45
CA HIS A 4 -7.27 -7.42 -10.53
C HIS A 4 -5.98 -6.65 -10.83
N MET A 5 -5.16 -7.15 -11.76
CA MET A 5 -3.91 -6.53 -12.16
C MET A 5 -4.29 -5.31 -13.01
N ALA A 6 -4.09 -4.12 -12.46
CA ALA A 6 -4.36 -2.87 -13.13
C ALA A 6 -3.31 -1.85 -12.67
N ASP A 7 -3.32 -0.65 -13.23
CA ASP A 7 -2.36 0.39 -12.85
C ASP A 7 -2.66 0.87 -11.42
N GLU A 8 -3.90 0.70 -10.94
CA GLU A 8 -4.34 1.08 -9.59
C GLU A 8 -3.52 0.28 -8.55
N GLU A 9 -3.20 -0.96 -8.91
CA GLU A 9 -2.44 -1.89 -8.08
C GLU A 9 -1.06 -1.33 -7.70
N LYS A 10 -0.51 -0.42 -8.52
CA LYS A 10 0.77 0.22 -8.28
C LYS A 10 0.53 1.39 -7.35
N LEU A 11 0.95 1.28 -6.09
CA LEU A 11 0.78 2.35 -5.11
C LEU A 11 1.45 3.64 -5.62
N PRO A 12 0.99 4.82 -5.18
CA PRO A 12 1.54 6.09 -5.62
C PRO A 12 3.00 6.29 -5.22
N PRO A 13 3.68 7.25 -5.85
CA PRO A 13 5.07 7.56 -5.59
C PRO A 13 5.28 8.00 -4.14
N GLY A 14 6.03 7.19 -3.40
CA GLY A 14 6.37 7.37 -2.00
C GLY A 14 5.74 6.28 -1.14
N TRP A 15 4.59 5.74 -1.54
CA TRP A 15 3.91 4.70 -0.78
C TRP A 15 4.38 3.33 -1.26
N GLU A 16 4.25 2.35 -0.37
CA GLU A 16 4.62 0.95 -0.54
C GLU A 16 3.64 0.06 0.19
N LYS A 17 3.09 -0.94 -0.50
CA LYS A 17 2.19 -1.91 0.08
C LYS A 17 3.05 -2.89 0.86
N ARG A 18 2.75 -3.05 2.14
CA ARG A 18 3.46 -3.96 3.03
C ARG A 18 2.46 -4.81 3.79
N MET A 19 2.98 -5.75 4.58
CA MET A 19 2.21 -6.65 5.41
C MET A 19 2.84 -6.60 6.78
N GLU A 20 2.02 -6.48 7.82
CA GLU A 20 2.49 -6.39 9.18
C GLU A 20 3.05 -7.72 9.63
N ARG A 21 4.25 -7.72 10.19
CA ARG A 21 4.86 -8.95 10.68
C ARG A 21 4.19 -9.43 11.96
N SER A 22 3.59 -8.55 12.76
CA SER A 22 2.94 -8.95 13.99
C SER A 22 1.62 -9.68 13.81
N SER A 23 0.81 -9.26 12.84
CA SER A 23 -0.52 -9.85 12.60
C SER A 23 -0.76 -10.40 11.20
N GLY A 24 0.13 -10.13 10.24
CA GLY A 24 -0.04 -10.62 8.90
C GLY A 24 -1.21 -9.92 8.26
N ARG A 25 -1.17 -8.58 8.25
CA ARG A 25 -2.24 -7.77 7.70
C ARG A 25 -1.64 -6.83 6.68
N VAL A 26 -2.19 -6.78 5.48
CA VAL A 26 -1.68 -5.92 4.41
C VAL A 26 -2.13 -4.49 4.66
N TYR A 27 -1.28 -3.53 4.34
CA TYR A 27 -1.50 -2.10 4.51
C TYR A 27 -0.55 -1.34 3.58
N TYR A 28 -0.58 -0.01 3.63
CA TYR A 28 0.27 0.86 2.81
C TYR A 28 1.16 1.70 3.73
N PHE A 29 2.40 1.98 3.33
CA PHE A 29 3.38 2.76 4.10
C PHE A 29 4.07 3.78 3.21
N ASN A 30 4.16 5.04 3.64
CA ASN A 30 4.80 6.14 2.90
C ASN A 30 6.19 6.48 3.43
N HIS A 31 7.27 6.20 2.69
CA HIS A 31 8.63 6.51 3.16
C HIS A 31 8.92 8.01 3.16
N ILE A 32 8.11 8.84 2.49
CA ILE A 32 8.35 10.27 2.42
C ILE A 32 8.14 10.91 3.78
N THR A 33 7.09 10.50 4.48
CA THR A 33 6.73 11.06 5.78
C THR A 33 6.66 9.98 6.86
N ASN A 34 7.11 8.75 6.56
CA ASN A 34 7.10 7.61 7.49
C ASN A 34 5.66 7.31 7.93
N ALA A 35 4.69 7.63 7.07
CA ALA A 35 3.27 7.43 7.30
C ALA A 35 2.88 6.01 6.90
N SER A 36 1.63 5.66 7.15
CA SER A 36 1.04 4.38 6.86
C SER A 36 -0.47 4.47 7.04
N GLN A 37 -1.22 3.77 6.21
CA GLN A 37 -2.66 3.72 6.25
C GLN A 37 -3.12 2.41 5.57
N TRP A 38 -4.42 2.14 5.59
CA TRP A 38 -5.05 0.95 5.01
C TRP A 38 -5.76 1.30 3.71
N GLU A 39 -6.31 2.51 3.60
CA GLU A 39 -7.03 2.99 2.43
C GLU A 39 -6.03 3.38 1.32
N ARG A 40 -6.45 3.30 0.06
CA ARG A 40 -5.66 3.62 -1.13
C ARG A 40 -5.19 5.07 -1.05
N PRO A 41 -3.88 5.32 -0.89
CA PRO A 41 -3.35 6.67 -0.83
C PRO A 41 -3.39 7.36 -2.19
N SER A 42 -2.83 8.57 -2.22
CA SER A 42 -2.76 9.44 -3.36
C SER A 42 -1.47 10.26 -3.25
N GLY A 43 -0.60 10.10 -4.22
CA GLY A 43 0.69 10.78 -4.36
C GLY A 43 0.65 11.50 -5.68
N GLY A 1 -5.23 -17.14 -9.56
CA GLY A 1 -6.23 -16.20 -10.06
C GLY A 1 -5.61 -14.83 -10.30
N LEU A 2 -6.22 -13.77 -9.73
CA LEU A 2 -5.80 -12.37 -9.81
C LEU A 2 -5.50 -11.92 -11.26
N GLU A 3 -6.34 -12.31 -12.22
CA GLU A 3 -6.15 -11.95 -13.63
C GLU A 3 -6.67 -10.55 -13.98
N HIS A 4 -7.59 -10.03 -13.17
CA HIS A 4 -8.20 -8.72 -13.37
C HIS A 4 -7.05 -7.70 -13.33
N MET A 5 -6.87 -6.97 -14.43
CA MET A 5 -5.81 -5.97 -14.61
C MET A 5 -5.82 -4.94 -13.49
N ALA A 6 -5.00 -5.18 -12.47
CA ALA A 6 -4.83 -4.33 -11.32
C ALA A 6 -3.68 -3.39 -11.65
N ASP A 7 -4.03 -2.22 -12.17
CA ASP A 7 -3.09 -1.16 -12.56
C ASP A 7 -3.19 -0.08 -11.49
N GLU A 8 -4.40 0.26 -11.05
CA GLU A 8 -4.66 1.27 -10.04
C GLU A 8 -4.14 0.86 -8.66
N GLU A 9 -3.92 -0.44 -8.48
CA GLU A 9 -3.42 -1.07 -7.28
C GLU A 9 -1.97 -0.65 -7.00
N LYS A 10 -1.31 0.03 -7.95
CA LYS A 10 0.04 0.52 -7.83
C LYS A 10 -0.05 1.82 -7.08
N LEU A 11 0.36 1.76 -5.82
CA LEU A 11 0.34 2.88 -4.88
C LEU A 11 1.04 4.15 -5.42
N PRO A 12 0.66 5.33 -4.92
CA PRO A 12 1.23 6.61 -5.34
C PRO A 12 2.70 6.74 -4.96
N PRO A 13 3.39 7.75 -5.52
CA PRO A 13 4.80 7.96 -5.26
C PRO A 13 5.08 8.30 -3.80
N GLY A 14 5.80 7.39 -3.15
CA GLY A 14 6.21 7.44 -1.76
C GLY A 14 5.53 6.35 -0.94
N TRP A 15 4.34 5.93 -1.33
CA TRP A 15 3.61 4.90 -0.63
C TRP A 15 4.02 3.54 -1.18
N GLU A 16 4.02 2.55 -0.29
CA GLU A 16 4.38 1.18 -0.54
C GLU A 16 3.42 0.26 0.18
N LYS A 17 2.78 -0.67 -0.54
CA LYS A 17 1.85 -1.62 0.04
C LYS A 17 2.63 -2.77 0.65
N ARG A 18 2.56 -2.97 1.95
CA ARG A 18 3.25 -4.06 2.65
C ARG A 18 2.23 -4.85 3.46
N MET A 19 2.68 -5.88 4.15
CA MET A 19 1.88 -6.76 4.99
C MET A 19 2.61 -6.87 6.32
N GLU A 20 1.88 -6.68 7.41
CA GLU A 20 2.45 -6.74 8.76
C GLU A 20 2.89 -8.14 9.12
N ARG A 21 4.14 -8.33 9.52
CA ARG A 21 4.63 -9.65 9.93
C ARG A 21 4.04 -10.04 11.30
N SER A 22 3.35 -9.13 12.00
CA SER A 22 2.74 -9.38 13.30
C SER A 22 1.55 -10.33 13.19
N SER A 23 0.63 -10.08 12.26
CA SER A 23 -0.54 -10.92 12.04
C SER A 23 -0.80 -11.18 10.56
N GLY A 24 -0.22 -10.40 9.64
CA GLY A 24 -0.41 -10.59 8.20
C GLY A 24 -1.52 -9.70 7.69
N ARG A 25 -1.48 -8.39 7.96
CA ARG A 25 -2.53 -7.48 7.51
C ARG A 25 -1.90 -6.53 6.50
N VAL A 26 -2.51 -6.40 5.33
CA VAL A 26 -2.00 -5.54 4.28
C VAL A 26 -2.33 -4.09 4.63
N TYR A 27 -1.38 -3.19 4.39
CA TYR A 27 -1.48 -1.77 4.68
C TYR A 27 -0.61 -1.01 3.67
N TYR A 28 -0.57 0.31 3.81
CA TYR A 28 0.23 1.20 2.98
C TYR A 28 1.19 1.95 3.90
N PHE A 29 2.41 2.20 3.44
CA PHE A 29 3.46 2.88 4.19
C PHE A 29 4.10 3.93 3.31
N ASN A 30 4.18 5.17 3.78
CA ASN A 30 4.76 6.29 3.03
C ASN A 30 6.21 6.47 3.43
N HIS A 31 7.18 6.00 2.65
CA HIS A 31 8.59 6.14 2.99
C HIS A 31 9.07 7.60 2.94
N ILE A 32 8.28 8.50 2.33
CA ILE A 32 8.65 9.92 2.23
C ILE A 32 8.65 10.53 3.62
N THR A 33 7.67 10.16 4.47
CA THR A 33 7.60 10.72 5.82
C THR A 33 7.61 9.64 6.91
N ASN A 34 7.72 8.36 6.52
CA ASN A 34 7.72 7.19 7.39
C ASN A 34 6.33 7.02 8.02
N ALA A 35 5.28 7.41 7.28
CA ALA A 35 3.88 7.30 7.70
C ALA A 35 3.32 5.97 7.21
N SER A 36 2.07 5.66 7.55
CA SER A 36 1.38 4.46 7.17
C SER A 36 -0.11 4.64 7.37
N GLN A 37 -0.91 4.03 6.51
CA GLN A 37 -2.36 4.06 6.58
C GLN A 37 -2.91 2.83 5.85
N TRP A 38 -4.21 2.59 5.99
CA TRP A 38 -4.92 1.46 5.38
C TRP A 38 -5.77 1.89 4.18
N GLU A 39 -6.18 3.17 4.14
CA GLU A 39 -6.99 3.71 3.05
C GLU A 39 -6.08 4.07 1.87
N ARG A 40 -6.60 3.99 0.64
CA ARG A 40 -5.81 4.29 -0.55
C ARG A 40 -5.32 5.75 -0.53
N PRO A 41 -4.00 5.98 -0.40
CA PRO A 41 -3.43 7.31 -0.39
C PRO A 41 -3.42 7.86 -1.82
N SER A 42 -3.00 9.12 -1.98
CA SER A 42 -2.91 9.79 -3.25
C SER A 42 -1.85 10.90 -3.13
N GLY A 43 -0.77 10.76 -3.89
CA GLY A 43 0.35 11.68 -3.96
C GLY A 43 0.03 12.72 -5.01
N GLY A 1 -5.64 -13.24 -11.04
CA GLY A 1 -4.46 -14.06 -10.71
C GLY A 1 -3.39 -13.78 -11.73
N LEU A 2 -3.05 -14.77 -12.57
CA LEU A 2 -2.04 -14.60 -13.63
C LEU A 2 -2.55 -13.64 -14.72
N GLU A 3 -3.87 -13.47 -14.78
CA GLU A 3 -4.61 -12.62 -15.69
C GLU A 3 -5.66 -11.90 -14.84
N HIS A 4 -6.60 -11.19 -15.46
CA HIS A 4 -7.68 -10.45 -14.79
C HIS A 4 -7.12 -9.46 -13.76
N MET A 5 -5.97 -8.88 -14.06
CA MET A 5 -5.29 -7.92 -13.20
C MET A 5 -5.85 -6.52 -13.44
N ALA A 6 -5.59 -5.59 -12.52
CA ALA A 6 -6.01 -4.20 -12.62
C ALA A 6 -4.94 -3.32 -11.97
N ASP A 7 -4.88 -2.06 -12.36
CA ASP A 7 -3.93 -1.05 -11.85
C ASP A 7 -4.58 -0.18 -10.78
N GLU A 8 -5.89 -0.33 -10.58
CA GLU A 8 -6.68 0.40 -9.61
C GLU A 8 -6.17 0.22 -8.16
N GLU A 9 -5.34 -0.81 -7.98
CA GLU A 9 -4.70 -1.23 -6.74
C GLU A 9 -3.30 -0.61 -6.55
N LYS A 10 -2.80 0.18 -7.53
CA LYS A 10 -1.49 0.81 -7.54
C LYS A 10 -1.39 2.11 -6.74
N LEU A 11 -0.86 2.00 -5.52
CA LEU A 11 -0.65 3.11 -4.60
C LEU A 11 0.20 4.22 -5.24
N PRO A 12 0.07 5.47 -4.74
CA PRO A 12 0.80 6.63 -5.24
C PRO A 12 2.31 6.54 -5.05
N PRO A 13 3.10 7.41 -5.71
CA PRO A 13 4.54 7.43 -5.61
C PRO A 13 4.95 7.71 -4.17
N GLY A 14 5.74 6.80 -3.62
CA GLY A 14 6.26 6.82 -2.26
C GLY A 14 5.49 5.89 -1.35
N TRP A 15 4.21 5.66 -1.63
CA TRP A 15 3.39 4.78 -0.82
C TRP A 15 3.50 3.37 -1.38
N GLU A 16 3.50 2.41 -0.46
CA GLU A 16 3.62 1.00 -0.74
C GLU A 16 2.66 0.23 0.13
N LYS A 17 1.82 -0.59 -0.49
CA LYS A 17 0.89 -1.42 0.26
C LYS A 17 1.72 -2.57 0.82
N ARG A 18 1.69 -2.73 2.13
CA ARG A 18 2.41 -3.78 2.85
C ARG A 18 1.40 -4.54 3.69
N MET A 19 1.86 -5.56 4.39
CA MET A 19 1.06 -6.40 5.28
C MET A 19 1.92 -6.55 6.53
N GLU A 20 1.32 -6.30 7.68
CA GLU A 20 2.00 -6.39 8.96
C GLU A 20 2.37 -7.84 9.22
N ARG A 21 3.64 -8.15 9.47
CA ARG A 21 4.05 -9.52 9.77
C ARG A 21 3.61 -9.90 11.18
N SER A 22 3.47 -8.92 12.06
CA SER A 22 3.08 -9.12 13.44
C SER A 22 1.63 -9.56 13.64
N SER A 23 0.71 -9.13 12.76
CA SER A 23 -0.71 -9.47 12.87
C SER A 23 -1.37 -9.90 11.58
N GLY A 24 -0.77 -9.63 10.43
CA GLY A 24 -1.34 -9.99 9.15
C GLY A 24 -2.47 -9.02 8.88
N ARG A 25 -2.12 -7.76 8.62
CA ARG A 25 -3.09 -6.72 8.34
C ARG A 25 -2.53 -5.89 7.22
N VAL A 26 -3.31 -5.62 6.17
CA VAL A 26 -2.82 -4.83 5.05
C VAL A 26 -2.87 -3.36 5.45
N TYR A 27 -1.88 -2.59 5.03
CA TYR A 27 -1.75 -1.16 5.31
C TYR A 27 -0.88 -0.53 4.23
N TYR A 28 -0.70 0.79 4.27
CA TYR A 28 0.12 1.53 3.31
C TYR A 28 1.29 2.13 4.07
N PHE A 29 2.43 2.26 3.41
CA PHE A 29 3.64 2.82 4.00
C PHE A 29 4.28 3.79 3.03
N ASN A 30 4.53 5.02 3.47
CA ASN A 30 5.14 6.07 2.65
C ASN A 30 6.63 6.13 2.92
N HIS A 31 7.47 5.41 2.16
CA HIS A 31 8.92 5.43 2.40
C HIS A 31 9.56 6.79 2.22
N ILE A 32 8.85 7.74 1.63
CA ILE A 32 9.38 9.09 1.42
C ILE A 32 9.47 9.82 2.74
N THR A 33 8.52 9.62 3.65
CA THR A 33 8.50 10.31 4.95
C THR A 33 8.45 9.33 6.12
N ASN A 34 8.42 8.02 5.86
CA ASN A 34 8.34 6.93 6.82
C ASN A 34 6.91 6.86 7.41
N ALA A 35 5.94 7.49 6.73
CA ALA A 35 4.56 7.48 7.19
C ALA A 35 3.99 6.12 6.85
N SER A 36 2.80 5.87 7.35
CA SER A 36 2.05 4.67 7.16
C SER A 36 0.62 4.96 7.58
N GLN A 37 -0.33 4.45 6.82
CA GLN A 37 -1.73 4.64 7.13
C GLN A 37 -2.55 3.50 6.53
N TRP A 38 -3.82 3.40 6.93
CA TRP A 38 -4.75 2.38 6.46
C TRP A 38 -5.66 2.94 5.37
N GLU A 39 -5.79 4.26 5.31
CA GLU A 39 -6.60 4.96 4.32
C GLU A 39 -5.82 5.21 3.05
N ARG A 40 -6.51 5.22 1.90
CA ARG A 40 -5.91 5.44 0.60
C ARG A 40 -5.19 6.79 0.56
N PRO A 41 -3.86 6.81 0.42
CA PRO A 41 -3.08 8.03 0.36
C PRO A 41 -3.26 8.74 -0.98
N SER A 42 -2.46 9.79 -1.18
CA SER A 42 -2.39 10.62 -2.34
C SER A 42 -0.94 11.08 -2.44
N GLY A 43 -0.38 10.89 -3.63
CA GLY A 43 0.96 11.24 -4.04
C GLY A 43 0.84 11.58 -5.51
N GLY A 1 -7.35 -14.28 -6.84
CA GLY A 1 -6.29 -13.35 -7.26
C GLY A 1 -6.88 -12.07 -7.79
N LEU A 2 -7.48 -12.11 -8.99
CA LEU A 2 -8.08 -10.95 -9.66
C LEU A 2 -7.04 -9.82 -9.73
N GLU A 3 -5.78 -10.19 -9.93
CA GLU A 3 -4.62 -9.34 -9.98
C GLU A 3 -4.14 -9.00 -11.38
N HIS A 4 -4.35 -9.89 -12.36
CA HIS A 4 -3.91 -9.69 -13.75
C HIS A 4 -4.55 -8.50 -14.50
N MET A 5 -5.44 -7.76 -13.85
CA MET A 5 -6.13 -6.60 -14.39
C MET A 5 -6.13 -5.44 -13.39
N ALA A 6 -5.40 -5.59 -12.26
CA ALA A 6 -5.28 -4.62 -11.21
C ALA A 6 -4.22 -3.60 -11.61
N ASP A 7 -4.64 -2.44 -12.10
CA ASP A 7 -3.76 -1.35 -12.52
C ASP A 7 -3.72 -0.36 -11.38
N GLU A 8 -4.88 -0.02 -10.84
CA GLU A 8 -4.98 0.91 -9.73
C GLU A 8 -4.35 0.39 -8.43
N GLU A 9 -3.86 -0.85 -8.44
CA GLU A 9 -3.17 -1.47 -7.33
C GLU A 9 -1.79 -0.80 -7.18
N LYS A 10 -1.29 -0.06 -8.19
CA LYS A 10 -0.03 0.66 -8.17
C LYS A 10 -0.19 1.88 -7.26
N LEU A 11 0.33 1.80 -6.03
CA LEU A 11 0.27 2.88 -5.06
C LEU A 11 0.95 4.16 -5.57
N PRO A 12 0.57 5.34 -5.03
CA PRO A 12 1.16 6.62 -5.43
C PRO A 12 2.65 6.70 -5.08
N PRO A 13 3.34 7.75 -5.57
CA PRO A 13 4.73 7.94 -5.27
C PRO A 13 4.90 8.12 -3.76
N GLY A 14 5.91 7.44 -3.26
CA GLY A 14 6.30 7.42 -1.87
C GLY A 14 5.60 6.30 -1.09
N TRP A 15 4.41 5.89 -1.51
CA TRP A 15 3.67 4.86 -0.84
C TRP A 15 4.05 3.49 -1.39
N GLU A 16 4.02 2.51 -0.50
CA GLU A 16 4.34 1.11 -0.73
C GLU A 16 3.32 0.24 -0.01
N LYS A 17 2.75 -0.75 -0.69
CA LYS A 17 1.80 -1.68 -0.09
C LYS A 17 2.57 -2.81 0.55
N ARG A 18 2.49 -2.96 1.86
CA ARG A 18 3.17 -4.00 2.59
C ARG A 18 2.14 -4.77 3.41
N MET A 19 2.61 -5.80 4.10
CA MET A 19 1.82 -6.63 4.98
C MET A 19 2.58 -6.67 6.30
N GLU A 20 1.86 -6.42 7.37
CA GLU A 20 2.38 -6.42 8.72
C GLU A 20 2.83 -7.83 9.07
N ARG A 21 4.12 -8.11 9.28
CA ARG A 21 4.49 -9.48 9.65
C ARG A 21 3.99 -9.80 11.06
N SER A 22 3.60 -8.78 11.81
CA SER A 22 3.08 -8.79 13.16
C SER A 22 1.85 -9.71 13.25
N SER A 23 0.86 -9.53 12.37
CA SER A 23 -0.34 -10.36 12.32
C SER A 23 -0.73 -10.77 10.91
N GLY A 24 -0.20 -10.10 9.88
CA GLY A 24 -0.47 -10.40 8.49
C GLY A 24 -1.56 -9.51 7.95
N ARG A 25 -1.51 -8.20 8.20
CA ARG A 25 -2.56 -7.32 7.70
C ARG A 25 -1.96 -6.44 6.63
N VAL A 26 -2.58 -6.39 5.46
CA VAL A 26 -2.10 -5.58 4.35
C VAL A 26 -2.40 -4.12 4.69
N TYR A 27 -1.48 -3.23 4.34
CA TYR A 27 -1.56 -1.80 4.59
C TYR A 27 -0.69 -1.06 3.59
N TYR A 28 -0.62 0.26 3.71
CA TYR A 28 0.17 1.13 2.85
C TYR A 28 1.15 1.88 3.76
N PHE A 29 2.36 2.15 3.29
CA PHE A 29 3.41 2.83 4.03
C PHE A 29 4.08 3.86 3.14
N ASN A 30 4.17 5.10 3.59
CA ASN A 30 4.80 6.21 2.87
C ASN A 30 6.25 6.35 3.31
N HIS A 31 7.20 5.90 2.50
CA HIS A 31 8.61 5.98 2.86
C HIS A 31 9.13 7.42 2.83
N ILE A 32 8.36 8.35 2.27
CA ILE A 32 8.77 9.75 2.18
C ILE A 32 8.78 10.36 3.58
N THR A 33 7.76 10.06 4.39
CA THR A 33 7.68 10.66 5.72
C THR A 33 7.59 9.63 6.84
N ASN A 34 7.58 8.33 6.49
CA ASN A 34 7.46 7.18 7.40
C ASN A 34 5.99 7.04 7.85
N ALA A 35 5.05 7.59 7.06
CA ALA A 35 3.63 7.49 7.37
C ALA A 35 3.13 6.15 6.88
N SER A 36 1.86 5.86 7.13
CA SER A 36 1.19 4.65 6.74
C SER A 36 -0.31 4.88 6.79
N GLN A 37 -1.07 4.04 6.09
CA GLN A 37 -2.52 4.10 6.09
C GLN A 37 -3.06 2.77 5.56
N TRP A 38 -4.34 2.53 5.76
CA TRP A 38 -5.06 1.34 5.34
C TRP A 38 -5.94 1.67 4.13
N GLU A 39 -6.39 2.92 4.03
CA GLU A 39 -7.19 3.43 2.93
C GLU A 39 -6.20 3.76 1.82
N ARG A 40 -6.62 3.72 0.54
CA ARG A 40 -5.70 4.00 -0.55
C ARG A 40 -5.22 5.46 -0.51
N PRO A 41 -3.91 5.70 -0.38
CA PRO A 41 -3.36 7.03 -0.34
C PRO A 41 -3.46 7.73 -1.70
N SER A 42 -3.05 8.99 -1.72
CA SER A 42 -3.03 9.91 -2.83
C SER A 42 -1.84 10.86 -2.60
N GLY A 43 -0.64 10.35 -2.92
CA GLY A 43 0.66 11.01 -2.81
C GLY A 43 0.80 11.73 -1.48
N GLY A 1 -13.14 -8.10 -6.17
CA GLY A 1 -13.05 -7.89 -7.62
C GLY A 1 -12.29 -9.01 -8.30
N LEU A 2 -12.37 -9.07 -9.62
CA LEU A 2 -11.72 -10.08 -10.44
C LEU A 2 -11.15 -9.37 -11.66
N GLU A 3 -9.83 -9.37 -11.76
CA GLU A 3 -9.04 -8.77 -12.82
C GLU A 3 -7.88 -9.73 -13.14
N HIS A 4 -7.06 -9.42 -14.15
CA HIS A 4 -5.89 -10.22 -14.57
C HIS A 4 -4.62 -9.35 -14.68
N MET A 5 -4.73 -8.03 -14.50
CA MET A 5 -3.64 -7.07 -14.53
C MET A 5 -3.91 -6.08 -13.41
N ALA A 6 -3.49 -6.43 -12.19
CA ALA A 6 -3.66 -5.61 -11.00
C ALA A 6 -2.60 -4.50 -11.06
N ASP A 7 -2.72 -3.60 -12.02
CA ASP A 7 -1.80 -2.50 -12.24
C ASP A 7 -2.26 -1.31 -11.43
N GLU A 8 -3.56 -1.27 -11.15
CA GLU A 8 -4.18 -0.24 -10.34
C GLU A 8 -3.90 -0.52 -8.84
N GLU A 9 -3.11 -1.55 -8.53
CA GLU A 9 -2.73 -1.96 -7.20
C GLU A 9 -1.36 -1.36 -6.81
N LYS A 10 -0.67 -0.69 -7.74
CA LYS A 10 0.62 -0.07 -7.48
C LYS A 10 0.38 1.24 -6.76
N LEU A 11 0.90 1.34 -5.55
CA LEU A 11 0.77 2.51 -4.70
C LEU A 11 1.42 3.76 -5.34
N PRO A 12 0.95 4.97 -4.96
CA PRO A 12 1.45 6.25 -5.47
C PRO A 12 2.89 6.56 -5.06
N PRO A 13 3.51 7.60 -5.64
CA PRO A 13 4.88 8.00 -5.34
C PRO A 13 5.03 8.30 -3.86
N GLY A 14 5.87 7.51 -3.21
CA GLY A 14 6.22 7.57 -1.80
C GLY A 14 5.58 6.45 -1.00
N TRP A 15 4.42 5.96 -1.42
CA TRP A 15 3.73 4.91 -0.71
C TRP A 15 4.18 3.55 -1.22
N GLU A 16 4.10 2.57 -0.31
CA GLU A 16 4.47 1.19 -0.48
C GLU A 16 3.52 0.31 0.33
N LYS A 17 3.02 -0.77 -0.27
CA LYS A 17 2.12 -1.72 0.40
C LYS A 17 2.99 -2.73 1.14
N ARG A 18 2.90 -2.78 2.46
CA ARG A 18 3.65 -3.71 3.33
C ARG A 18 2.64 -4.55 4.09
N MET A 19 3.13 -5.39 5.01
CA MET A 19 2.33 -6.24 5.84
C MET A 19 3.00 -6.22 7.19
N GLU A 20 2.19 -6.00 8.23
CA GLU A 20 2.65 -5.94 9.59
C GLU A 20 3.28 -7.25 10.03
N ARG A 21 4.56 -7.24 10.38
CA ARG A 21 5.20 -8.46 10.87
C ARG A 21 4.66 -8.82 12.26
N SER A 22 4.11 -7.84 12.99
CA SER A 22 3.56 -8.02 14.32
C SER A 22 2.48 -9.12 14.32
N SER A 23 1.48 -9.03 13.43
CA SER A 23 0.41 -10.03 13.35
C SER A 23 0.18 -10.52 11.92
N GLY A 24 0.35 -9.68 10.91
CA GLY A 24 0.17 -10.06 9.52
C GLY A 24 -0.95 -9.33 8.83
N ARG A 25 -1.06 -8.00 8.96
CA ARG A 25 -2.13 -7.26 8.30
C ARG A 25 -1.51 -6.35 7.26
N VAL A 26 -1.98 -6.44 6.03
CA VAL A 26 -1.50 -5.63 4.92
C VAL A 26 -1.98 -4.21 5.11
N TYR A 27 -1.16 -3.24 4.70
CA TYR A 27 -1.42 -1.82 4.82
C TYR A 27 -0.53 -1.07 3.83
N TYR A 28 -0.59 0.26 3.83
CA TYR A 28 0.21 1.14 2.99
C TYR A 28 1.10 1.99 3.91
N PHE A 29 2.33 2.28 3.50
CA PHE A 29 3.32 3.04 4.25
C PHE A 29 3.99 4.03 3.32
N ASN A 30 4.07 5.30 3.72
CA ASN A 30 4.70 6.37 2.95
C ASN A 30 6.13 6.59 3.42
N HIS A 31 7.14 6.25 2.60
CA HIS A 31 8.54 6.42 2.98
C HIS A 31 8.98 7.88 2.96
N ILE A 32 8.21 8.78 2.34
CA ILE A 32 8.55 10.19 2.25
C ILE A 32 8.46 10.81 3.65
N THR A 33 7.42 10.48 4.40
CA THR A 33 7.22 11.05 5.72
C THR A 33 7.09 10.01 6.81
N ASN A 34 7.35 8.73 6.51
CA ASN A 34 7.27 7.62 7.45
C ASN A 34 5.82 7.43 7.95
N ALA A 35 4.84 7.81 7.13
CA ALA A 35 3.41 7.69 7.44
C ALA A 35 2.92 6.30 7.00
N SER A 36 1.66 5.99 7.27
CA SER A 36 1.01 4.74 6.93
C SER A 36 -0.51 4.84 7.04
N GLN A 37 -1.24 4.06 6.25
CA GLN A 37 -2.69 4.02 6.28
C GLN A 37 -3.17 2.69 5.67
N TRP A 38 -4.45 2.38 5.83
CA TRP A 38 -5.07 1.17 5.31
C TRP A 38 -5.88 1.49 4.03
N GLU A 39 -6.35 2.73 3.90
CA GLU A 39 -7.11 3.20 2.74
C GLU A 39 -6.11 3.64 1.67
N ARG A 40 -6.36 3.32 0.41
CA ARG A 40 -5.53 3.63 -0.73
C ARG A 40 -5.21 5.13 -0.84
N PRO A 41 -3.95 5.55 -0.65
CA PRO A 41 -3.52 6.94 -0.75
C PRO A 41 -3.50 7.39 -2.21
N SER A 42 -3.10 8.65 -2.44
CA SER A 42 -2.97 9.28 -3.73
C SER A 42 -1.93 10.38 -3.54
N GLY A 43 -0.86 10.33 -4.32
CA GLY A 43 0.25 11.28 -4.28
C GLY A 43 0.36 11.97 -5.61
N GLY A 1 -13.48 -12.35 -8.40
CA GLY A 1 -12.13 -11.93 -8.79
C GLY A 1 -11.10 -12.66 -7.93
N LEU A 2 -10.04 -13.19 -8.56
CA LEU A 2 -8.97 -13.91 -7.89
C LEU A 2 -7.70 -13.65 -8.67
N GLU A 3 -6.62 -13.24 -7.99
CA GLU A 3 -5.30 -12.94 -8.55
C GLU A 3 -5.32 -11.79 -9.58
N HIS A 4 -6.46 -11.13 -9.77
CA HIS A 4 -6.61 -10.03 -10.71
C HIS A 4 -5.97 -8.75 -10.13
N MET A 5 -5.86 -7.70 -10.94
CA MET A 5 -5.27 -6.42 -10.55
C MET A 5 -5.70 -5.33 -11.51
N ALA A 6 -5.25 -4.11 -11.23
CA ALA A 6 -5.48 -2.92 -12.02
C ALA A 6 -4.21 -2.08 -11.87
N ASP A 7 -3.99 -1.17 -12.81
CA ASP A 7 -2.84 -0.25 -12.79
C ASP A 7 -3.00 0.69 -11.60
N GLU A 8 -4.23 0.82 -11.09
CA GLU A 8 -4.62 1.63 -9.96
C GLU A 8 -3.82 1.24 -8.71
N GLU A 9 -3.48 -0.05 -8.58
CA GLU A 9 -2.72 -0.60 -7.46
C GLU A 9 -1.25 -0.10 -7.48
N LYS A 10 -0.87 0.74 -8.45
CA LYS A 10 0.46 1.34 -8.52
C LYS A 10 0.33 2.52 -7.59
N LEU A 11 0.67 2.31 -6.32
CA LEU A 11 0.60 3.33 -5.27
C LEU A 11 1.28 4.63 -5.71
N PRO A 12 0.85 5.78 -5.16
CA PRO A 12 1.44 7.06 -5.50
C PRO A 12 2.92 7.13 -5.11
N PRO A 13 3.67 8.09 -5.67
CA PRO A 13 5.08 8.24 -5.35
C PRO A 13 5.19 8.55 -3.87
N GLY A 14 5.98 7.73 -3.19
CA GLY A 14 6.27 7.79 -1.77
C GLY A 14 5.53 6.69 -1.03
N TRP A 15 4.37 6.25 -1.52
CA TRP A 15 3.62 5.20 -0.87
C TRP A 15 4.04 3.87 -1.48
N GLU A 16 4.07 2.87 -0.64
CA GLU A 16 4.47 1.52 -0.95
C GLU A 16 3.54 0.54 -0.28
N LYS A 17 3.01 -0.42 -1.03
CA LYS A 17 2.14 -1.43 -0.48
C LYS A 17 3.02 -2.44 0.23
N ARG A 18 2.71 -2.71 1.49
CA ARG A 18 3.40 -3.63 2.38
C ARG A 18 2.38 -4.61 2.95
N MET A 19 2.84 -5.53 3.78
CA MET A 19 2.03 -6.52 4.46
C MET A 19 2.59 -6.63 5.87
N GLU A 20 1.69 -6.65 6.85
CA GLU A 20 2.05 -6.76 8.25
C GLU A 20 2.55 -8.17 8.48
N ARG A 21 3.78 -8.36 8.95
CA ARG A 21 4.27 -9.72 9.19
C ARG A 21 3.49 -10.34 10.34
N SER A 22 3.28 -9.57 11.41
CA SER A 22 2.58 -10.00 12.62
C SER A 22 1.15 -10.50 12.40
N SER A 23 0.46 -10.13 11.32
CA SER A 23 -0.91 -10.60 11.08
C SER A 23 -1.20 -11.03 9.65
N GLY A 24 -0.39 -10.61 8.68
CA GLY A 24 -0.56 -10.91 7.29
C GLY A 24 -1.71 -10.07 6.78
N ARG A 25 -1.58 -8.74 6.92
CA ARG A 25 -2.59 -7.77 6.51
C ARG A 25 -1.93 -6.79 5.57
N VAL A 26 -2.43 -6.67 4.35
CA VAL A 26 -1.86 -5.75 3.37
C VAL A 26 -2.19 -4.32 3.81
N TYR A 27 -1.28 -3.38 3.63
CA TYR A 27 -1.43 -1.97 3.98
C TYR A 27 -0.52 -1.13 3.10
N TYR A 28 -0.57 0.20 3.24
CA TYR A 28 0.23 1.15 2.48
C TYR A 28 1.15 1.90 3.44
N PHE A 29 2.38 2.22 3.03
CA PHE A 29 3.39 2.89 3.85
C PHE A 29 4.01 4.02 3.04
N ASN A 30 4.04 5.24 3.58
CA ASN A 30 4.62 6.40 2.93
C ASN A 30 6.04 6.62 3.40
N HIS A 31 7.05 6.32 2.58
CA HIS A 31 8.44 6.53 2.96
C HIS A 31 8.83 8.01 2.95
N ILE A 32 8.03 8.90 2.38
CA ILE A 32 8.30 10.33 2.33
C ILE A 32 8.18 10.94 3.72
N THR A 33 7.16 10.53 4.47
CA THR A 33 6.90 11.07 5.80
C THR A 33 6.89 9.98 6.87
N ASN A 34 7.27 8.74 6.51
CA ASN A 34 7.32 7.61 7.44
C ASN A 34 5.94 7.35 8.04
N ALA A 35 4.91 7.39 7.19
CA ALA A 35 3.52 7.19 7.55
C ALA A 35 3.01 5.86 6.99
N SER A 36 1.75 5.52 7.24
CA SER A 36 1.13 4.30 6.77
C SER A 36 -0.39 4.41 6.93
N GLN A 37 -1.16 3.75 6.04
CA GLN A 37 -2.61 3.74 6.07
C GLN A 37 -3.10 2.47 5.37
N TRP A 38 -4.36 2.12 5.58
CA TRP A 38 -4.99 0.96 4.96
C TRP A 38 -5.72 1.44 3.71
N GLU A 39 -6.30 2.63 3.75
CA GLU A 39 -7.03 3.21 2.63
C GLU A 39 -6.04 3.72 1.58
N ARG A 40 -6.47 3.71 0.31
CA ARG A 40 -5.68 4.14 -0.83
C ARG A 40 -5.23 5.60 -0.66
N PRO A 41 -3.92 5.86 -0.55
CA PRO A 41 -3.38 7.21 -0.41
C PRO A 41 -3.37 7.97 -1.74
N SER A 42 -2.84 9.19 -1.71
CA SER A 42 -2.69 10.11 -2.82
C SER A 42 -1.42 10.94 -2.57
N GLY A 43 -0.45 10.79 -3.48
CA GLY A 43 0.85 11.45 -3.48
C GLY A 43 0.71 12.93 -3.72
N GLY A 1 -18.19 -7.32 -13.57
CA GLY A 1 -17.30 -8.05 -14.45
C GLY A 1 -15.99 -8.34 -13.75
N LEU A 2 -15.23 -9.34 -14.21
CA LEU A 2 -13.95 -9.73 -13.61
C LEU A 2 -12.80 -9.21 -14.46
N GLU A 3 -12.41 -7.95 -14.24
CA GLU A 3 -11.31 -7.33 -14.97
C GLU A 3 -9.99 -7.98 -14.56
N HIS A 4 -8.95 -7.80 -15.38
CA HIS A 4 -7.61 -8.35 -15.15
C HIS A 4 -6.61 -7.19 -15.19
N MET A 5 -6.72 -6.28 -14.23
CA MET A 5 -5.85 -5.12 -14.12
C MET A 5 -5.99 -4.66 -12.68
N ALA A 6 -4.93 -4.77 -11.88
CA ALA A 6 -4.93 -4.38 -10.48
C ALA A 6 -3.92 -3.27 -10.27
N ASP A 7 -4.15 -2.43 -9.27
CA ASP A 7 -3.28 -1.31 -8.91
C ASP A 7 -2.74 -1.47 -7.49
N GLU A 8 -3.34 -2.37 -6.69
CA GLU A 8 -2.94 -2.67 -5.31
C GLU A 8 -1.55 -3.28 -5.17
N GLU A 9 -0.81 -3.42 -6.29
CA GLU A 9 0.53 -3.98 -6.36
C GLU A 9 1.51 -3.01 -7.06
N LYS A 10 1.05 -1.82 -7.48
CA LYS A 10 1.87 -0.80 -8.15
C LYS A 10 1.61 0.50 -7.41
N LEU A 11 1.92 0.46 -6.12
CA LEU A 11 1.74 1.58 -5.21
C LEU A 11 2.34 2.87 -5.77
N PRO A 12 1.73 4.02 -5.44
CA PRO A 12 2.17 5.33 -5.91
C PRO A 12 3.54 5.74 -5.36
N PRO A 13 4.12 6.81 -5.91
CA PRO A 13 5.40 7.33 -5.48
C PRO A 13 5.31 7.71 -4.00
N GLY A 14 6.26 7.18 -3.23
CA GLY A 14 6.40 7.39 -1.81
C GLY A 14 5.84 6.27 -0.96
N TRP A 15 4.84 5.55 -1.46
CA TRP A 15 4.21 4.47 -0.73
C TRP A 15 4.89 3.13 -1.03
N GLU A 16 4.83 2.25 -0.03
CA GLU A 16 5.40 0.92 -0.02
C GLU A 16 4.45 -0.03 0.68
N LYS A 17 4.04 -1.10 0.01
CA LYS A 17 3.17 -2.11 0.59
C LYS A 17 4.02 -2.90 1.56
N ARG A 18 3.62 -3.00 2.83
CA ARG A 18 4.36 -3.72 3.85
C ARG A 18 3.40 -4.62 4.62
N MET A 19 3.93 -5.37 5.57
CA MET A 19 3.20 -6.29 6.40
C MET A 19 3.61 -6.02 7.84
N GLU A 20 2.63 -6.04 8.75
CA GLU A 20 2.81 -5.80 10.17
C GLU A 20 3.55 -6.97 10.80
N ARG A 21 4.81 -6.80 11.20
CA ARG A 21 5.59 -7.89 11.80
C ARG A 21 4.92 -8.47 13.05
N SER A 22 4.15 -7.65 13.78
CA SER A 22 3.45 -8.02 15.00
C SER A 22 2.53 -9.22 14.78
N SER A 23 1.62 -9.16 13.81
CA SER A 23 0.66 -10.26 13.55
C SER A 23 0.73 -10.81 12.13
N GLY A 24 1.01 -9.98 11.12
CA GLY A 24 1.08 -10.36 9.73
C GLY A 24 -0.13 -9.84 8.96
N ARG A 25 -0.37 -8.52 8.98
CA ARG A 25 -1.48 -7.89 8.28
C ARG A 25 -0.84 -6.99 7.24
N VAL A 26 -1.27 -7.03 6.00
CA VAL A 26 -0.69 -6.21 4.94
C VAL A 26 -1.29 -4.81 5.05
N TYR A 27 -0.50 -3.79 4.71
CA TYR A 27 -0.87 -2.37 4.75
C TYR A 27 0.08 -1.60 3.81
N TYR A 28 -0.07 -0.28 3.72
CA TYR A 28 0.76 0.58 2.88
C TYR A 28 1.46 1.59 3.80
N PHE A 29 2.69 1.98 3.47
CA PHE A 29 3.50 2.91 4.27
C PHE A 29 4.10 3.96 3.35
N ASN A 30 3.91 5.24 3.67
CA ASN A 30 4.44 6.37 2.90
C ASN A 30 5.73 6.88 3.53
N HIS A 31 6.89 6.64 2.92
CA HIS A 31 8.17 7.12 3.46
C HIS A 31 8.35 8.63 3.34
N ILE A 32 7.58 9.28 2.48
CA ILE A 32 7.67 10.72 2.25
C ILE A 32 7.22 11.48 3.49
N THR A 33 6.15 11.03 4.14
CA THR A 33 5.63 11.70 5.33
C THR A 33 5.56 10.74 6.53
N ASN A 34 6.16 9.54 6.42
CA ASN A 34 6.16 8.52 7.48
C ASN A 34 4.70 8.12 7.81
N ALA A 35 3.79 8.26 6.85
CA ALA A 35 2.39 7.93 6.98
C ALA A 35 2.20 6.46 6.64
N SER A 36 0.97 5.97 6.73
CA SER A 36 0.59 4.61 6.46
C SER A 36 -0.91 4.53 6.35
N GLN A 37 -1.42 3.58 5.57
CA GLN A 37 -2.84 3.39 5.40
C GLN A 37 -3.12 1.97 4.92
N TRP A 38 -4.37 1.51 5.06
CA TRP A 38 -4.80 0.18 4.63
C TRP A 38 -5.41 0.27 3.24
N GLU A 39 -6.05 1.39 2.93
CA GLU A 39 -6.66 1.68 1.64
C GLU A 39 -5.58 2.05 0.63
N ARG A 40 -5.85 1.79 -0.66
CA ARG A 40 -4.94 2.09 -1.75
C ARG A 40 -4.67 3.60 -1.79
N PRO A 41 -3.43 4.05 -1.54
CA PRO A 41 -3.10 5.46 -1.61
C PRO A 41 -3.16 5.94 -3.07
N SER A 42 -2.99 7.25 -3.24
CA SER A 42 -3.02 7.90 -4.52
C SER A 42 -2.09 9.11 -4.45
N GLY A 43 -0.79 8.87 -4.50
CA GLY A 43 0.28 9.87 -4.45
C GLY A 43 0.08 10.78 -3.25
N GLY A 1 -13.01 -15.49 -9.00
CA GLY A 1 -12.72 -14.06 -8.81
C GLY A 1 -12.08 -13.50 -10.06
N LEU A 2 -11.48 -12.31 -9.96
CA LEU A 2 -10.84 -11.64 -11.09
C LEU A 2 -9.76 -12.51 -11.73
N GLU A 3 -9.49 -12.27 -13.01
CA GLU A 3 -8.47 -12.96 -13.81
C GLU A 3 -7.65 -11.96 -14.63
N HIS A 4 -7.90 -10.66 -14.46
CA HIS A 4 -7.22 -9.57 -15.16
C HIS A 4 -6.39 -8.84 -14.13
N MET A 5 -5.18 -8.42 -14.51
CA MET A 5 -4.31 -7.68 -13.60
C MET A 5 -4.89 -6.28 -13.37
N ALA A 6 -4.35 -5.53 -12.42
CA ALA A 6 -4.84 -4.20 -12.08
C ALA A 6 -3.64 -3.24 -12.01
N ASP A 7 -3.74 -2.08 -12.68
CA ASP A 7 -2.68 -1.08 -12.68
C ASP A 7 -2.78 -0.26 -11.40
N GLU A 8 -3.99 -0.15 -10.89
CA GLU A 8 -4.37 0.54 -9.66
C GLU A 8 -3.74 -0.12 -8.42
N GLU A 9 -3.05 -1.23 -8.62
CA GLU A 9 -2.35 -1.98 -7.59
C GLU A 9 -0.97 -1.34 -7.33
N LYS A 10 -0.46 -0.50 -8.23
CA LYS A 10 0.82 0.18 -8.08
C LYS A 10 0.58 1.44 -7.25
N LEU A 11 1.08 1.48 -6.02
CA LEU A 11 0.95 2.61 -5.11
C LEU A 11 1.61 3.89 -5.66
N PRO A 12 1.18 5.07 -5.20
CA PRO A 12 1.71 6.36 -5.62
C PRO A 12 3.12 6.60 -5.12
N PRO A 13 3.77 7.68 -5.59
CA PRO A 13 5.11 8.03 -5.15
C PRO A 13 5.08 8.25 -3.64
N GLY A 14 6.14 7.78 -3.01
CA GLY A 14 6.43 7.83 -1.59
C GLY A 14 5.77 6.71 -0.78
N TRP A 15 4.61 6.20 -1.23
CA TRP A 15 3.93 5.13 -0.52
C TRP A 15 4.47 3.78 -0.94
N GLU A 16 4.38 2.80 -0.05
CA GLU A 16 4.85 1.45 -0.22
C GLU A 16 3.88 0.51 0.45
N LYS A 17 3.35 -0.45 -0.29
CA LYS A 17 2.43 -1.43 0.26
C LYS A 17 3.29 -2.43 1.01
N ARG A 18 3.04 -2.62 2.30
CA ARG A 18 3.81 -3.55 3.12
C ARG A 18 2.88 -4.45 3.91
N MET A 19 3.47 -5.32 4.72
CA MET A 19 2.77 -6.25 5.58
C MET A 19 3.44 -6.16 6.94
N GLU A 20 2.62 -6.09 7.98
CA GLU A 20 3.03 -5.99 9.36
C GLU A 20 3.69 -7.28 9.82
N ARG A 21 5.01 -7.32 9.98
CA ARG A 21 5.63 -8.57 10.46
C ARG A 21 5.13 -8.91 11.86
N SER A 22 4.64 -7.91 12.61
CA SER A 22 4.12 -8.03 13.95
C SER A 22 2.96 -9.02 14.07
N SER A 23 1.98 -8.94 13.17
CA SER A 23 0.79 -9.80 13.20
C SER A 23 0.41 -10.40 11.84
N GLY A 24 0.83 -9.80 10.73
CA GLY A 24 0.59 -10.26 9.38
C GLY A 24 -0.61 -9.58 8.75
N ARG A 25 -0.65 -8.24 8.73
CA ARG A 25 -1.75 -7.50 8.14
C ARG A 25 -1.14 -6.59 7.08
N VAL A 26 -1.71 -6.53 5.89
CA VAL A 26 -1.19 -5.68 4.82
C VAL A 26 -1.59 -4.24 5.15
N TYR A 27 -0.81 -3.27 4.69
CA TYR A 27 -1.05 -1.85 4.92
C TYR A 27 -0.20 -1.06 3.92
N TYR A 28 -0.28 0.26 3.95
CA TYR A 28 0.49 1.16 3.10
C TYR A 28 1.34 2.03 4.00
N PHE A 29 2.57 2.37 3.58
CA PHE A 29 3.49 3.19 4.36
C PHE A 29 4.12 4.26 3.50
N ASN A 30 4.10 5.53 3.93
CA ASN A 30 4.70 6.63 3.17
C ASN A 30 6.07 6.99 3.73
N HIS A 31 7.16 6.68 3.02
CA HIS A 31 8.50 7.01 3.52
C HIS A 31 8.79 8.52 3.46
N ILE A 32 7.99 9.31 2.75
CA ILE A 32 8.19 10.76 2.65
C ILE A 32 7.91 11.44 3.98
N THR A 33 6.91 10.96 4.71
CA THR A 33 6.50 11.54 5.99
C THR A 33 6.52 10.49 7.11
N ASN A 34 6.97 9.27 6.82
CA ASN A 34 7.03 8.16 7.76
C ASN A 34 5.62 7.87 8.30
N ALA A 35 4.62 8.04 7.42
CA ALA A 35 3.19 7.83 7.69
C ALA A 35 2.81 6.44 7.20
N SER A 36 1.55 6.07 7.37
CA SER A 36 0.99 4.81 6.96
C SER A 36 -0.53 4.93 6.96
N GLN A 37 -1.20 4.00 6.27
CA GLN A 37 -2.64 3.93 6.19
C GLN A 37 -3.02 2.54 5.71
N TRP A 38 -4.30 2.21 5.76
CA TRP A 38 -4.90 0.95 5.33
C TRP A 38 -5.65 1.16 4.02
N GLU A 39 -6.20 2.35 3.80
CA GLU A 39 -6.94 2.74 2.61
C GLU A 39 -5.92 3.31 1.62
N ARG A 40 -6.16 3.14 0.32
CA ARG A 40 -5.27 3.61 -0.72
C ARG A 40 -4.96 5.11 -0.63
N PRO A 41 -3.67 5.48 -0.71
CA PRO A 41 -3.23 6.86 -0.67
C PRO A 41 -3.29 7.48 -2.07
N SER A 42 -2.80 8.71 -2.16
CA SER A 42 -2.70 9.53 -3.34
C SER A 42 -1.44 10.35 -3.11
N GLY A 43 -0.56 10.33 -4.09
CA GLY A 43 0.72 11.03 -4.16
C GLY A 43 0.82 11.51 -5.58
N GLY A 1 -10.06 -12.85 -22.77
CA GLY A 1 -9.22 -13.79 -22.00
C GLY A 1 -9.67 -13.79 -20.55
N LEU A 2 -9.36 -14.86 -19.82
CA LEU A 2 -9.75 -15.00 -18.42
C LEU A 2 -8.74 -14.31 -17.49
N GLU A 3 -7.59 -13.89 -18.04
CA GLU A 3 -6.49 -13.21 -17.36
C GLU A 3 -7.01 -12.01 -16.56
N HIS A 4 -6.41 -11.77 -15.40
CA HIS A 4 -6.77 -10.66 -14.51
C HIS A 4 -5.56 -10.23 -13.70
N MET A 5 -5.52 -8.94 -13.42
CA MET A 5 -4.55 -8.16 -12.67
C MET A 5 -5.25 -6.82 -12.40
N ALA A 6 -4.71 -6.02 -11.47
CA ALA A 6 -5.29 -4.73 -11.13
C ALA A 6 -4.20 -3.67 -10.97
N ASP A 7 -4.60 -2.40 -10.96
CA ASP A 7 -3.70 -1.26 -10.80
C ASP A 7 -4.03 -0.46 -9.55
N GLU A 8 -5.25 -0.62 -9.02
CA GLU A 8 -5.74 0.03 -7.81
C GLU A 8 -4.96 -0.43 -6.57
N GLU A 9 -4.05 -1.40 -6.74
CA GLU A 9 -3.20 -1.97 -5.72
C GLU A 9 -1.77 -1.42 -5.84
N LYS A 10 -1.46 -0.62 -6.87
CA LYS A 10 -0.14 -0.04 -7.08
C LYS A 10 -0.14 1.34 -6.43
N LEU A 11 0.27 1.32 -5.17
CA LEU A 11 0.34 2.50 -4.30
C LEU A 11 1.08 3.66 -4.98
N PRO A 12 0.69 4.89 -4.64
CA PRO A 12 1.26 6.08 -5.25
C PRO A 12 2.75 6.26 -4.96
N PRO A 13 3.40 7.19 -5.68
CA PRO A 13 4.81 7.45 -5.49
C PRO A 13 5.04 7.95 -4.07
N GLY A 14 5.84 7.19 -3.32
CA GLY A 14 6.21 7.42 -1.94
C GLY A 14 5.58 6.39 -1.02
N TRP A 15 4.42 5.86 -1.38
CA TRP A 15 3.74 4.88 -0.56
C TRP A 15 4.08 3.45 -1.01
N GLU A 16 4.07 2.54 -0.05
CA GLU A 16 4.36 1.13 -0.17
C GLU A 16 3.38 0.34 0.67
N LYS A 17 2.73 -0.65 0.09
CA LYS A 17 1.78 -1.53 0.76
C LYS A 17 2.58 -2.64 1.45
N ARG A 18 2.62 -2.63 2.77
CA ARG A 18 3.34 -3.64 3.55
C ARG A 18 2.35 -4.29 4.49
N MET A 19 2.84 -5.19 5.33
CA MET A 19 2.06 -5.90 6.29
C MET A 19 2.77 -5.77 7.64
N GLU A 20 1.99 -5.49 8.67
CA GLU A 20 2.42 -5.32 10.04
C GLU A 20 2.83 -6.66 10.60
N ARG A 21 4.07 -6.83 11.06
CA ARG A 21 4.48 -8.11 11.62
C ARG A 21 3.90 -8.36 13.02
N SER A 22 3.28 -7.37 13.67
CA SER A 22 2.70 -7.50 14.99
C SER A 22 1.54 -8.50 14.99
N SER A 23 0.63 -8.38 14.03
CA SER A 23 -0.53 -9.26 13.87
C SER A 23 -0.76 -9.70 12.43
N GLY A 24 -0.11 -9.10 11.44
CA GLY A 24 -0.28 -9.49 10.05
C GLY A 24 -1.43 -8.73 9.44
N ARG A 25 -1.36 -7.39 9.42
CA ARG A 25 -2.43 -6.58 8.86
C ARG A 25 -1.82 -5.73 7.77
N VAL A 26 -2.41 -5.76 6.57
CA VAL A 26 -1.89 -5.00 5.45
C VAL A 26 -2.19 -3.53 5.69
N TYR A 27 -1.28 -2.65 5.29
CA TYR A 27 -1.38 -1.22 5.45
C TYR A 27 -0.53 -0.55 4.38
N TYR A 28 -0.48 0.78 4.39
CA TYR A 28 0.31 1.58 3.46
C TYR A 28 1.30 2.37 4.30
N PHE A 29 2.53 2.53 3.82
CA PHE A 29 3.61 3.24 4.48
C PHE A 29 4.25 4.19 3.49
N ASN A 30 4.41 5.46 3.83
CA ASN A 30 5.03 6.47 2.98
C ASN A 30 6.49 6.63 3.34
N HIS A 31 7.41 6.19 2.48
CA HIS A 31 8.84 6.30 2.72
C HIS A 31 9.37 7.73 2.63
N ILE A 32 8.57 8.65 2.10
CA ILE A 32 8.95 10.04 1.95
C ILE A 32 9.00 10.71 3.32
N THR A 33 7.99 10.48 4.16
CA THR A 33 7.92 11.10 5.46
C THR A 33 7.77 10.10 6.61
N ASN A 34 7.93 8.80 6.36
CA ASN A 34 7.80 7.72 7.36
C ASN A 34 6.35 7.62 7.85
N ALA A 35 5.41 8.12 7.06
CA ALA A 35 3.98 8.08 7.40
C ALA A 35 3.44 6.69 7.08
N SER A 36 2.19 6.44 7.43
CA SER A 36 1.49 5.21 7.19
C SER A 36 -0.01 5.41 7.38
N GLN A 37 -0.83 4.67 6.65
CA GLN A 37 -2.27 4.72 6.76
C GLN A 37 -2.85 3.42 6.22
N TRP A 38 -4.12 3.17 6.51
CA TRP A 38 -4.86 1.98 6.07
C TRP A 38 -5.76 2.33 4.88
N GLU A 39 -6.18 3.60 4.76
CA GLU A 39 -7.01 4.05 3.65
C GLU A 39 -6.05 4.30 2.49
N ARG A 40 -6.49 4.02 1.25
CA ARG A 40 -5.64 4.21 0.08
C ARG A 40 -5.26 5.69 -0.09
N PRO A 41 -3.96 6.03 -0.07
CA PRO A 41 -3.45 7.39 -0.23
C PRO A 41 -3.49 7.85 -1.70
N SER A 42 -2.95 9.04 -1.95
CA SER A 42 -2.85 9.68 -3.25
C SER A 42 -1.58 10.54 -3.24
N GLY A 43 -0.60 10.17 -4.07
CA GLY A 43 0.68 10.86 -4.20
C GLY A 43 0.86 11.42 -5.59
N GLY A 1 -4.44 -14.88 -7.94
CA GLY A 1 -5.37 -15.05 -9.06
C GLY A 1 -5.69 -13.71 -9.69
N LEU A 2 -5.03 -13.36 -10.78
CA LEU A 2 -5.21 -12.11 -11.50
C LEU A 2 -5.63 -12.45 -12.91
N GLU A 3 -6.94 -12.50 -13.19
CA GLU A 3 -7.40 -12.81 -14.53
C GLU A 3 -7.39 -11.51 -15.33
N HIS A 4 -8.29 -10.59 -15.00
CA HIS A 4 -8.38 -9.30 -15.65
C HIS A 4 -7.23 -8.40 -15.20
N MET A 5 -7.03 -7.30 -15.92
CA MET A 5 -6.00 -6.33 -15.61
C MET A 5 -6.64 -5.26 -14.74
N ALA A 6 -6.04 -4.98 -13.59
CA ALA A 6 -6.49 -3.99 -12.61
C ALA A 6 -5.19 -3.39 -12.09
N ASP A 7 -5.01 -2.07 -12.11
CA ASP A 7 -3.77 -1.41 -11.66
C ASP A 7 -3.96 -0.44 -10.50
N GLU A 8 -5.17 -0.32 -9.97
CA GLU A 8 -5.46 0.55 -8.84
C GLU A 8 -4.69 0.13 -7.58
N GLU A 9 -4.19 -1.11 -7.57
CA GLU A 9 -3.40 -1.68 -6.48
C GLU A 9 -1.99 -1.07 -6.48
N LYS A 10 -1.59 -0.30 -7.51
CA LYS A 10 -0.27 0.33 -7.56
C LYS A 10 -0.33 1.58 -6.71
N LEU A 11 0.23 1.48 -5.51
CA LEU A 11 0.26 2.59 -4.57
C LEU A 11 0.98 3.79 -5.20
N PRO A 12 0.63 5.01 -4.79
CA PRO A 12 1.22 6.22 -5.34
C PRO A 12 2.71 6.35 -5.02
N PRO A 13 3.41 7.29 -5.68
CA PRO A 13 4.82 7.49 -5.46
C PRO A 13 5.07 7.92 -4.02
N GLY A 14 5.83 7.11 -3.31
CA GLY A 14 6.20 7.28 -1.92
C GLY A 14 5.55 6.23 -1.06
N TRP A 15 4.38 5.73 -1.45
CA TRP A 15 3.66 4.74 -0.68
C TRP A 15 4.00 3.34 -1.17
N GLU A 16 3.96 2.40 -0.24
CA GLU A 16 4.26 0.99 -0.39
C GLU A 16 3.29 0.13 0.40
N LYS A 17 2.67 -0.85 -0.25
CA LYS A 17 1.74 -1.76 0.42
C LYS A 17 2.54 -2.85 1.11
N ARG A 18 2.46 -2.94 2.43
CA ARG A 18 3.16 -3.92 3.23
C ARG A 18 2.15 -4.63 4.12
N MET A 19 2.60 -5.57 4.95
CA MET A 19 1.75 -6.33 5.85
C MET A 19 2.46 -6.48 7.19
N GLU A 20 1.72 -6.30 8.28
CA GLU A 20 2.26 -6.41 9.63
C GLU A 20 2.67 -7.83 9.96
N ARG A 21 3.91 -8.03 10.39
CA ARG A 21 4.38 -9.35 10.78
C ARG A 21 3.80 -9.74 12.14
N SER A 22 3.25 -8.81 12.91
CA SER A 22 2.68 -9.11 14.22
C SER A 22 1.39 -9.93 14.08
N SER A 23 0.37 -9.42 13.36
CA SER A 23 -0.91 -10.12 13.18
C SER A 23 -1.22 -10.46 11.73
N GLY A 24 -0.60 -9.81 10.75
CA GLY A 24 -0.81 -10.10 9.34
C GLY A 24 -1.87 -9.20 8.75
N ARG A 25 -1.74 -7.87 8.94
CA ARG A 25 -2.75 -6.96 8.40
C ARG A 25 -2.06 -6.07 7.39
N VAL A 26 -2.62 -6.01 6.19
CA VAL A 26 -2.09 -5.22 5.10
C VAL A 26 -2.34 -3.76 5.42
N TYR A 27 -1.38 -2.90 5.06
CA TYR A 27 -1.41 -1.48 5.29
C TYR A 27 -0.51 -0.83 4.23
N TYR A 28 -0.47 0.50 4.22
CA TYR A 28 0.35 1.28 3.31
C TYR A 28 1.38 2.03 4.11
N PHE A 29 2.56 2.24 3.55
CA PHE A 29 3.67 2.91 4.22
C PHE A 29 4.29 3.92 3.27
N ASN A 30 4.38 5.17 3.70
CA ASN A 30 4.95 6.26 2.91
C ASN A 30 6.43 6.45 3.24
N HIS A 31 7.35 5.97 2.39
CA HIS A 31 8.77 6.12 2.65
C HIS A 31 9.26 7.57 2.56
N ILE A 32 8.48 8.47 1.95
CA ILE A 32 8.83 9.88 1.79
C ILE A 32 8.87 10.58 3.15
N THR A 33 7.88 10.30 4.00
CA THR A 33 7.83 10.92 5.31
C THR A 33 7.76 9.90 6.44
N ASN A 34 8.03 8.62 6.12
CA ASN A 34 8.04 7.51 7.07
C ASN A 34 6.67 7.34 7.74
N ALA A 35 5.60 7.67 7.02
CA ALA A 35 4.21 7.59 7.48
C ALA A 35 3.59 6.27 7.05
N SER A 36 2.33 6.06 7.39
CA SER A 36 1.57 4.88 7.04
C SER A 36 0.09 5.20 7.07
N GLN A 37 -0.72 4.34 6.46
CA GLN A 37 -2.16 4.49 6.44
C GLN A 37 -2.78 3.17 5.99
N TRP A 38 -4.07 3.03 6.23
CA TRP A 38 -4.86 1.87 5.83
C TRP A 38 -5.71 2.27 4.62
N GLU A 39 -6.13 3.54 4.58
CA GLU A 39 -6.92 4.07 3.49
C GLU A 39 -5.98 4.24 2.30
N ARG A 40 -6.49 4.05 1.09
CA ARG A 40 -5.69 4.19 -0.12
C ARG A 40 -5.19 5.63 -0.23
N PRO A 41 -3.89 5.90 -0.15
CA PRO A 41 -3.32 7.23 -0.28
C PRO A 41 -3.41 7.69 -1.73
N SER A 42 -3.08 8.96 -1.98
CA SER A 42 -3.14 9.53 -3.33
C SER A 42 -2.06 10.57 -3.60
N GLY A 43 -0.83 10.12 -3.84
CA GLY A 43 0.34 10.96 -4.13
C GLY A 43 0.75 11.70 -2.89
N GLY A 1 -9.18 -2.77 -16.45
CA GLY A 1 -9.39 -4.15 -16.90
C GLY A 1 -9.11 -5.09 -15.74
N LEU A 2 -9.07 -6.40 -15.98
CA LEU A 2 -8.82 -7.41 -14.94
C LEU A 2 -7.44 -7.97 -15.22
N GLU A 3 -7.30 -8.65 -16.37
CA GLU A 3 -6.03 -9.24 -16.78
C GLU A 3 -5.04 -8.17 -17.22
N HIS A 4 -5.55 -7.01 -17.66
CA HIS A 4 -4.79 -5.87 -18.14
C HIS A 4 -5.37 -4.60 -17.50
N MET A 5 -4.62 -3.51 -17.55
CA MET A 5 -4.99 -2.18 -17.03
C MET A 5 -5.29 -2.09 -15.53
N ALA A 6 -5.26 -3.19 -14.79
CA ALA A 6 -5.51 -3.23 -13.37
C ALA A 6 -4.32 -2.56 -12.70
N ASP A 7 -4.53 -1.45 -11.99
CA ASP A 7 -3.44 -0.73 -11.31
C ASP A 7 -3.51 -0.89 -9.79
N GLU A 8 -4.69 -1.23 -9.25
CA GLU A 8 -4.88 -1.44 -7.80
C GLU A 8 -4.00 -2.59 -7.28
N GLU A 9 -3.58 -3.45 -8.21
CA GLU A 9 -2.76 -4.63 -8.00
C GLU A 9 -1.39 -4.33 -7.38
N LYS A 10 -0.93 -3.07 -7.36
CA LYS A 10 0.33 -2.63 -6.79
C LYS A 10 0.16 -1.21 -6.25
N LEU A 11 0.74 -0.95 -5.08
CA LEU A 11 0.68 0.35 -4.43
C LEU A 11 1.24 1.48 -5.30
N PRO A 12 0.77 2.73 -5.09
CA PRO A 12 1.20 3.90 -5.83
C PRO A 12 2.65 4.30 -5.52
N PRO A 13 3.22 5.21 -6.33
CA PRO A 13 4.58 5.67 -6.16
C PRO A 13 4.78 6.39 -4.82
N GLY A 14 5.60 5.77 -3.96
CA GLY A 14 5.96 6.23 -2.63
C GLY A 14 5.43 5.30 -1.55
N TRP A 15 4.30 4.62 -1.81
CA TRP A 15 3.71 3.74 -0.84
C TRP A 15 4.23 2.31 -1.02
N GLU A 16 4.19 1.55 0.06
CA GLU A 16 4.61 0.16 0.18
C GLU A 16 3.65 -0.56 1.10
N LYS A 17 3.24 -1.77 0.74
CA LYS A 17 2.35 -2.59 1.53
C LYS A 17 3.24 -3.39 2.49
N ARG A 18 3.11 -3.11 3.77
CA ARG A 18 3.88 -3.73 4.84
C ARG A 18 2.92 -4.49 5.75
N MET A 19 3.48 -5.09 6.81
CA MET A 19 2.77 -5.86 7.82
C MET A 19 3.39 -5.49 9.17
N GLU A 20 2.56 -5.22 10.17
CA GLU A 20 2.94 -4.87 11.52
C GLU A 20 3.63 -6.06 12.15
N ARG A 21 4.94 -6.02 12.41
CA ARG A 21 5.63 -7.16 13.02
C ARG A 21 5.13 -7.42 14.46
N SER A 22 4.44 -6.45 15.06
CA SER A 22 3.87 -6.52 16.40
C SER A 22 2.88 -7.68 16.51
N SER A 23 1.93 -7.77 15.57
CA SER A 23 0.91 -8.81 15.58
C SER A 23 0.65 -9.47 14.21
N GLY A 24 1.06 -8.84 13.11
CA GLY A 24 0.90 -9.36 11.77
C GLY A 24 -0.32 -8.77 11.07
N ARG A 25 -0.48 -7.44 11.09
CA ARG A 25 -1.62 -6.77 10.47
C ARG A 25 -1.08 -6.00 9.28
N VAL A 26 -1.66 -6.22 8.11
CA VAL A 26 -1.24 -5.59 6.87
C VAL A 26 -1.64 -4.12 6.89
N TYR A 27 -0.83 -3.26 6.30
CA TYR A 27 -1.04 -1.83 6.21
C TYR A 27 -0.17 -1.29 5.07
N TYR A 28 -0.21 0.01 4.83
CA TYR A 28 0.56 0.68 3.79
C TYR A 28 1.44 1.75 4.44
N PHE A 29 2.62 2.01 3.87
CA PHE A 29 3.56 2.97 4.38
C PHE A 29 4.15 3.79 3.25
N ASN A 30 4.09 5.11 3.37
CA ASN A 30 4.62 6.04 2.39
C ASN A 30 6.03 6.51 2.76
N HIS A 31 7.08 6.08 2.07
CA HIS A 31 8.44 6.51 2.42
C HIS A 31 8.72 7.96 2.03
N ILE A 32 7.92 8.55 1.14
CA ILE A 32 8.12 9.92 0.67
C ILE A 32 7.86 10.91 1.78
N THR A 33 6.83 10.67 2.59
CA THR A 33 6.47 11.57 3.68
C THR A 33 6.49 10.85 5.03
N ASN A 34 7.00 9.60 5.06
CA ASN A 34 7.09 8.78 6.28
C ASN A 34 5.71 8.58 6.91
N ALA A 35 4.68 8.52 6.06
CA ALA A 35 3.28 8.34 6.43
C ALA A 35 2.91 6.87 6.32
N SER A 36 1.67 6.55 6.65
CA SER A 36 1.10 5.22 6.61
C SER A 36 -0.42 5.29 6.59
N GLN A 37 -1.08 4.22 6.14
CA GLN A 37 -2.53 4.13 6.13
C GLN A 37 -2.91 2.67 5.92
N TRP A 38 -4.17 2.32 6.14
CA TRP A 38 -4.65 0.95 5.98
C TRP A 38 -5.48 0.78 4.72
N GLU A 39 -6.01 1.87 4.18
CA GLU A 39 -6.83 1.93 2.96
C GLU A 39 -5.94 2.23 1.76
N ARG A 40 -6.32 1.78 0.56
CA ARG A 40 -5.55 1.98 -0.67
C ARG A 40 -5.28 3.46 -0.98
N PRO A 41 -4.03 3.93 -0.85
CA PRO A 41 -3.67 5.31 -1.15
C PRO A 41 -3.60 5.53 -2.66
N SER A 42 -3.27 6.75 -3.09
CA SER A 42 -3.13 7.09 -4.48
C SER A 42 -2.18 8.29 -4.65
N GLY A 43 -0.89 8.02 -4.51
CA GLY A 43 0.21 8.99 -4.62
C GLY A 43 0.47 9.69 -3.30
N GLY A 1 -13.57 -8.82 -2.28
CA GLY A 1 -12.97 -9.41 -3.48
C GLY A 1 -11.75 -8.63 -3.92
N LEU A 2 -11.05 -9.13 -4.94
CA LEU A 2 -9.87 -8.50 -5.52
C LEU A 2 -9.85 -8.74 -7.04
N GLU A 3 -8.90 -8.15 -7.74
CA GLU A 3 -8.72 -8.26 -9.19
C GLU A 3 -7.36 -8.88 -9.48
N HIS A 4 -7.25 -9.63 -10.59
CA HIS A 4 -6.02 -10.27 -11.01
C HIS A 4 -5.20 -9.26 -11.81
N MET A 5 -5.76 -8.72 -12.89
CA MET A 5 -5.10 -7.73 -13.74
C MET A 5 -5.72 -6.37 -13.48
N ALA A 6 -5.00 -5.52 -12.76
CA ALA A 6 -5.42 -4.18 -12.41
C ALA A 6 -4.19 -3.27 -12.39
N ASP A 7 -4.43 -1.99 -12.16
CA ASP A 7 -3.43 -0.93 -12.06
C ASP A 7 -3.49 -0.30 -10.67
N GLU A 8 -4.44 -0.71 -9.82
CA GLU A 8 -4.57 -0.18 -8.47
C GLU A 8 -3.33 -0.47 -7.61
N GLU A 9 -2.52 -1.45 -8.02
CA GLU A 9 -1.29 -1.83 -7.34
C GLU A 9 -0.18 -0.81 -7.56
N LYS A 10 -0.34 0.10 -8.52
CA LYS A 10 0.66 1.12 -8.84
C LYS A 10 0.55 2.26 -7.82
N LEU A 11 0.94 2.00 -6.57
CA LEU A 11 0.91 2.99 -5.50
C LEU A 11 1.63 4.27 -5.93
N PRO A 12 1.20 5.42 -5.40
CA PRO A 12 1.82 6.69 -5.74
C PRO A 12 3.22 6.78 -5.18
N PRO A 13 3.98 7.81 -5.61
CA PRO A 13 5.31 7.99 -5.10
C PRO A 13 5.17 8.31 -3.61
N GLY A 14 6.16 7.85 -2.87
CA GLY A 14 6.28 7.98 -1.44
C GLY A 14 5.61 6.81 -0.74
N TRP A 15 4.56 6.23 -1.32
CA TRP A 15 3.84 5.12 -0.72
C TRP A 15 4.38 3.80 -1.25
N GLU A 16 4.28 2.78 -0.43
CA GLU A 16 4.74 1.43 -0.69
C GLU A 16 3.72 0.45 -0.14
N LYS A 17 3.29 -0.49 -0.96
CA LYS A 17 2.36 -1.53 -0.56
C LYS A 17 3.21 -2.61 0.08
N ARG A 18 3.01 -2.86 1.37
CA ARG A 18 3.75 -3.85 2.14
C ARG A 18 2.73 -4.76 2.81
N MET A 19 3.21 -5.68 3.61
CA MET A 19 2.41 -6.63 4.35
C MET A 19 2.97 -6.73 5.77
N GLU A 20 2.08 -6.83 6.74
CA GLU A 20 2.41 -6.98 8.15
C GLU A 20 2.89 -8.41 8.32
N ARG A 21 4.13 -8.67 8.72
CA ARG A 21 4.55 -10.06 8.89
C ARG A 21 3.89 -10.70 10.12
N SER A 22 3.52 -9.90 11.12
CA SER A 22 2.88 -10.29 12.38
C SER A 22 1.57 -11.04 12.21
N SER A 23 0.75 -10.69 11.22
CA SER A 23 -0.53 -11.32 10.94
C SER A 23 -0.72 -11.61 9.45
N GLY A 24 0.01 -10.94 8.56
CA GLY A 24 -0.11 -11.16 7.14
C GLY A 24 -1.27 -10.34 6.65
N ARG A 25 -1.19 -9.01 6.75
CA ARG A 25 -2.25 -8.11 6.29
C ARG A 25 -1.59 -7.09 5.39
N VAL A 26 -2.08 -6.91 4.18
CA VAL A 26 -1.50 -5.97 3.23
C VAL A 26 -1.92 -4.57 3.65
N TYR A 27 -1.08 -3.56 3.42
CA TYR A 27 -1.36 -2.17 3.75
C TYR A 27 -0.44 -1.29 2.94
N TYR A 28 -0.56 0.04 3.07
CA TYR A 28 0.25 1.02 2.37
C TYR A 28 1.05 1.79 3.41
N PHE A 29 2.29 2.15 3.10
CA PHE A 29 3.22 2.85 3.96
C PHE A 29 3.92 3.96 3.21
N ASN A 30 3.94 5.17 3.74
CA ASN A 30 4.58 6.33 3.13
C ASN A 30 5.99 6.53 3.68
N HIS A 31 7.03 6.21 2.92
CA HIS A 31 8.42 6.39 3.36
C HIS A 31 8.82 7.85 3.53
N ILE A 32 8.03 8.78 2.97
CA ILE A 32 8.32 10.22 3.06
C ILE A 32 8.22 10.65 4.51
N THR A 33 7.14 10.22 5.19
CA THR A 33 6.97 10.64 6.58
C THR A 33 6.80 9.48 7.55
N ASN A 34 6.94 8.24 7.06
CA ASN A 34 6.79 7.01 7.85
C ASN A 34 5.29 6.76 8.15
N ALA A 35 4.39 7.38 7.38
CA ALA A 35 2.96 7.24 7.55
C ALA A 35 2.51 5.90 6.98
N SER A 36 1.23 5.59 7.09
CA SER A 36 0.64 4.37 6.58
C SER A 36 -0.88 4.48 6.52
N GLN A 37 -1.50 3.65 5.68
CA GLN A 37 -2.93 3.57 5.55
C GLN A 37 -3.33 2.27 4.86
N TRP A 38 -4.62 1.95 4.86
CA TRP A 38 -5.20 0.77 4.24
C TRP A 38 -5.91 1.23 2.95
N GLU A 39 -6.44 2.46 2.94
CA GLU A 39 -7.11 3.02 1.78
C GLU A 39 -6.05 3.48 0.77
N ARG A 40 -6.38 3.52 -0.52
CA ARG A 40 -5.48 3.95 -1.59
C ARG A 40 -5.10 5.41 -1.40
N PRO A 41 -3.82 5.74 -1.13
CA PRO A 41 -3.36 7.11 -0.98
C PRO A 41 -3.18 7.76 -2.36
N SER A 42 -2.79 9.03 -2.40
CA SER A 42 -2.55 9.74 -3.65
C SER A 42 -1.40 10.75 -3.44
N GLY A 43 -0.17 10.24 -3.38
CA GLY A 43 1.05 11.03 -3.16
C GLY A 43 1.06 11.52 -1.72
N GLY A 1 -18.36 -13.21 -16.90
CA GLY A 1 -17.20 -12.39 -16.52
C GLY A 1 -16.06 -13.26 -16.03
N LEU A 2 -14.88 -12.65 -15.92
CA LEU A 2 -13.65 -13.30 -15.49
C LEU A 2 -12.85 -12.34 -14.64
N GLU A 3 -11.77 -12.84 -14.06
CA GLU A 3 -10.85 -12.08 -13.23
C GLU A 3 -9.50 -12.02 -13.95
N HIS A 4 -8.80 -10.91 -13.77
CA HIS A 4 -7.50 -10.65 -14.35
C HIS A 4 -6.76 -9.65 -13.48
N MET A 5 -5.44 -9.59 -13.64
CA MET A 5 -4.59 -8.68 -12.88
C MET A 5 -4.75 -7.25 -13.40
N ALA A 6 -4.29 -6.29 -12.59
CA ALA A 6 -4.29 -4.86 -12.84
C ALA A 6 -2.93 -4.27 -12.42
N ASP A 7 -2.78 -2.95 -12.54
CA ASP A 7 -1.58 -2.19 -12.18
C ASP A 7 -1.85 -1.15 -11.10
N GLU A 8 -3.12 -0.92 -10.76
CA GLU A 8 -3.56 0.03 -9.74
C GLU A 8 -2.97 -0.31 -8.37
N GLU A 9 -2.48 -1.53 -8.18
CA GLU A 9 -1.86 -1.99 -6.95
C GLU A 9 -0.52 -1.30 -6.66
N LYS A 10 0.17 -0.70 -7.65
CA LYS A 10 1.44 -0.03 -7.41
C LYS A 10 1.14 1.34 -6.79
N LEU A 11 1.38 1.47 -5.49
CA LEU A 11 1.14 2.65 -4.65
C LEU A 11 1.71 3.95 -5.24
N PRO A 12 1.12 5.12 -4.90
CA PRO A 12 1.55 6.42 -5.38
C PRO A 12 2.97 6.76 -4.91
N PRO A 13 3.62 7.77 -5.51
CA PRO A 13 4.96 8.14 -5.15
C PRO A 13 5.01 8.68 -3.72
N GLY A 14 5.80 8.01 -2.90
CA GLY A 14 6.05 8.27 -1.49
C GLY A 14 5.51 7.15 -0.64
N TRP A 15 4.46 6.47 -1.10
CA TRP A 15 3.86 5.36 -0.37
C TRP A 15 4.48 4.05 -0.83
N GLU A 16 4.46 3.09 0.08
CA GLU A 16 4.99 1.76 -0.07
C GLU A 16 4.13 0.76 0.67
N LYS A 17 3.75 -0.32 0.01
CA LYS A 17 2.96 -1.37 0.61
C LYS A 17 3.87 -2.26 1.44
N ARG A 18 3.51 -2.46 2.71
CA ARG A 18 4.24 -3.27 3.67
C ARG A 18 3.28 -4.25 4.34
N MET A 19 3.82 -5.11 5.21
CA MET A 19 3.10 -6.10 5.98
C MET A 19 3.79 -6.13 7.33
N GLU A 20 3.00 -6.02 8.39
CA GLU A 20 3.57 -5.99 9.73
C GLU A 20 3.99 -7.36 10.24
N ARG A 21 5.21 -7.50 10.75
CA ARG A 21 5.66 -8.75 11.35
C ARG A 21 4.97 -8.91 12.71
N SER A 22 4.40 -7.84 13.27
CA SER A 22 3.71 -7.78 14.55
C SER A 22 2.58 -8.81 14.59
N SER A 23 1.67 -8.76 13.62
CA SER A 23 0.55 -9.67 13.51
C SER A 23 0.34 -10.19 12.09
N GLY A 24 1.04 -9.65 11.09
CA GLY A 24 0.90 -10.09 9.71
C GLY A 24 -0.28 -9.39 9.11
N ARG A 25 -0.25 -8.06 9.02
CA ARG A 25 -1.36 -7.31 8.44
C ARG A 25 -0.77 -6.38 7.38
N VAL A 26 -1.32 -6.42 6.16
CA VAL A 26 -0.85 -5.61 5.05
C VAL A 26 -1.33 -4.18 5.25
N TYR A 27 -0.50 -3.20 4.92
CA TYR A 27 -0.78 -1.78 5.05
C TYR A 27 0.10 -0.96 4.09
N TYR A 28 -0.07 0.37 4.09
CA TYR A 28 0.69 1.29 3.27
C TYR A 28 1.46 2.24 4.20
N PHE A 29 2.67 2.62 3.82
CA PHE A 29 3.54 3.50 4.57
C PHE A 29 4.09 4.58 3.66
N ASN A 30 4.01 5.84 4.06
CA ASN A 30 4.50 6.98 3.31
C ASN A 30 5.88 7.40 3.83
N HIS A 31 6.95 7.18 3.08
CA HIS A 31 8.29 7.55 3.49
C HIS A 31 8.57 9.04 3.38
N ILE A 32 7.73 9.79 2.69
CA ILE A 32 7.91 11.22 2.51
C ILE A 32 7.59 11.95 3.81
N THR A 33 6.55 11.49 4.51
CA THR A 33 6.14 12.13 5.76
C THR A 33 6.12 11.17 6.94
N ASN A 34 6.60 9.93 6.77
CA ASN A 34 6.64 8.91 7.82
C ASN A 34 5.22 8.48 8.23
N ALA A 35 4.22 8.72 7.36
CA ALA A 35 2.83 8.40 7.60
C ALA A 35 2.55 6.96 7.19
N SER A 36 1.31 6.54 7.33
CA SER A 36 0.84 5.23 7.00
C SER A 36 -0.68 5.24 6.87
N GLN A 37 -1.24 4.23 6.21
CA GLN A 37 -2.67 4.07 6.03
C GLN A 37 -2.97 2.65 5.55
N TRP A 38 -4.25 2.29 5.57
CA TRP A 38 -4.78 1.01 5.10
C TRP A 38 -5.49 1.25 3.76
N GLU A 39 -6.10 2.44 3.64
CA GLU A 39 -6.84 2.94 2.48
C GLU A 39 -5.87 3.32 1.37
N ARG A 40 -6.28 3.20 0.11
CA ARG A 40 -5.42 3.56 -1.03
C ARG A 40 -5.12 5.07 -0.98
N PRO A 41 -3.85 5.46 -0.78
CA PRO A 41 -3.43 6.86 -0.72
C PRO A 41 -3.54 7.58 -2.08
N SER A 42 -2.97 8.78 -2.17
CA SER A 42 -3.01 9.58 -3.38
C SER A 42 -1.84 10.56 -3.39
N GLY A 43 -0.93 10.38 -4.35
CA GLY A 43 0.23 11.24 -4.52
C GLY A 43 -0.25 12.53 -5.14
N GLY A 1 -8.69 -10.45 -7.80
CA GLY A 1 -9.45 -11.34 -8.68
C GLY A 1 -8.54 -12.41 -9.23
N LEU A 2 -8.53 -12.59 -10.56
CA LEU A 2 -7.70 -13.57 -11.25
C LEU A 2 -7.41 -13.07 -12.66
N GLU A 3 -8.37 -13.19 -13.59
CA GLU A 3 -8.21 -12.76 -14.97
C GLU A 3 -8.37 -11.25 -15.15
N HIS A 4 -8.59 -10.48 -14.08
CA HIS A 4 -8.77 -9.03 -14.18
C HIS A 4 -7.57 -8.31 -13.61
N MET A 5 -7.13 -7.27 -14.31
CA MET A 5 -6.01 -6.40 -13.94
C MET A 5 -6.39 -5.59 -12.69
N ALA A 6 -5.41 -4.93 -12.07
CA ALA A 6 -5.64 -4.10 -10.88
C ALA A 6 -4.70 -2.90 -10.90
N ASP A 7 -5.03 -1.89 -10.10
CA ASP A 7 -4.28 -0.65 -9.96
C ASP A 7 -3.78 -0.41 -8.55
N GLU A 8 -4.47 -0.98 -7.55
CA GLU A 8 -4.13 -0.83 -6.14
C GLU A 8 -2.71 -1.28 -5.81
N GLU A 9 -2.14 -2.15 -6.63
CA GLU A 9 -0.81 -2.70 -6.46
C GLU A 9 0.30 -1.74 -6.93
N LYS A 10 -0.04 -0.58 -7.53
CA LYS A 10 0.94 0.40 -8.02
C LYS A 10 0.81 1.69 -7.24
N LEU A 11 1.36 1.66 -6.04
CA LEU A 11 1.35 2.78 -5.11
C LEU A 11 2.06 4.02 -5.68
N PRO A 12 1.62 5.23 -5.29
CA PRO A 12 2.19 6.50 -5.74
C PRO A 12 3.62 6.68 -5.20
N PRO A 13 4.34 7.70 -5.71
CA PRO A 13 5.68 7.97 -5.24
C PRO A 13 5.61 8.25 -3.74
N GLY A 14 6.56 7.65 -3.03
CA GLY A 14 6.76 7.72 -1.60
C GLY A 14 6.08 6.59 -0.83
N TRP A 15 4.98 6.05 -1.34
CA TRP A 15 4.26 4.99 -0.66
C TRP A 15 4.76 3.60 -1.09
N GLU A 16 4.57 2.64 -0.20
CA GLU A 16 4.97 1.25 -0.33
C GLU A 16 3.91 0.37 0.29
N LYS A 17 3.51 -0.71 -0.39
CA LYS A 17 2.54 -1.67 0.13
C LYS A 17 3.31 -2.72 0.91
N ARG A 18 3.04 -2.84 2.21
CA ARG A 18 3.69 -3.81 3.10
C ARG A 18 2.63 -4.55 3.90
N MET A 19 3.08 -5.48 4.73
CA MET A 19 2.24 -6.29 5.58
C MET A 19 2.88 -6.36 6.96
N GLU A 20 2.06 -6.31 7.99
CA GLU A 20 2.43 -6.37 9.40
C GLU A 20 2.88 -7.79 9.70
N ARG A 21 4.17 -8.07 9.92
CA ARG A 21 4.62 -9.42 10.25
C ARG A 21 4.10 -9.85 11.64
N SER A 22 3.47 -8.94 12.39
CA SER A 22 2.93 -9.14 13.72
C SER A 22 1.62 -9.96 13.65
N SER A 23 0.63 -9.48 12.89
CA SER A 23 -0.68 -10.13 12.73
C SER A 23 -1.04 -10.50 11.29
N GLY A 24 -0.29 -10.02 10.31
CA GLY A 24 -0.54 -10.32 8.92
C GLY A 24 -1.63 -9.44 8.35
N ARG A 25 -1.43 -8.12 8.43
CA ARG A 25 -2.38 -7.15 7.92
C ARG A 25 -1.68 -6.33 6.86
N VAL A 26 -2.25 -6.25 5.66
CA VAL A 26 -1.64 -5.50 4.57
C VAL A 26 -1.98 -4.03 4.77
N TYR A 27 -1.09 -3.12 4.38
CA TYR A 27 -1.30 -1.69 4.52
C TYR A 27 -0.32 -0.98 3.60
N TYR A 28 -0.37 0.35 3.58
CA TYR A 28 0.50 1.18 2.77
C TYR A 28 1.32 2.05 3.73
N PHE A 29 2.57 2.35 3.40
CA PHE A 29 3.47 3.14 4.22
C PHE A 29 4.19 4.18 3.38
N ASN A 30 4.16 5.44 3.79
CA ASN A 30 4.81 6.55 3.09
C ASN A 30 6.15 6.92 3.74
N HIS A 31 7.29 6.58 3.14
CA HIS A 31 8.58 6.92 3.73
C HIS A 31 8.88 8.42 3.66
N ILE A 32 8.14 9.19 2.85
CA ILE A 32 8.36 10.62 2.70
C ILE A 32 8.07 11.33 4.01
N THR A 33 7.01 10.91 4.70
CA THR A 33 6.61 11.51 5.96
C THR A 33 6.51 10.49 7.10
N ASN A 34 6.93 9.24 6.86
CA ASN A 34 6.86 8.15 7.84
C ASN A 34 5.40 7.90 8.23
N ALA A 35 4.49 8.03 7.26
CA ALA A 35 3.05 7.82 7.43
C ALA A 35 2.69 6.43 6.96
N SER A 36 1.43 6.05 7.12
CA SER A 36 0.87 4.79 6.73
C SER A 36 -0.64 4.91 6.68
N GLN A 37 -1.28 4.12 5.83
CA GLN A 37 -2.71 4.10 5.70
C GLN A 37 -3.15 2.75 5.13
N TRP A 38 -4.45 2.49 5.13
CA TRP A 38 -5.07 1.27 4.62
C TRP A 38 -5.75 1.55 3.29
N GLU A 39 -6.21 2.78 3.08
CA GLU A 39 -6.86 3.23 1.85
C GLU A 39 -5.76 3.56 0.83
N ARG A 40 -6.04 3.47 -0.47
CA ARG A 40 -5.03 3.77 -1.49
C ARG A 40 -4.72 5.27 -1.42
N PRO A 41 -3.44 5.65 -1.30
CA PRO A 41 -3.00 7.03 -1.25
C PRO A 41 -2.98 7.69 -2.62
N SER A 42 -2.52 8.94 -2.65
CA SER A 42 -2.36 9.78 -3.81
C SER A 42 -1.14 10.66 -3.57
N GLY A 43 -0.25 10.64 -4.55
CA GLY A 43 0.98 11.40 -4.62
C GLY A 43 0.80 12.43 -5.70
N GLY A 1 -12.53 -7.28 -11.09
CA GLY A 1 -13.04 -8.64 -10.96
C GLY A 1 -11.91 -9.63 -11.17
N LEU A 2 -12.14 -10.76 -11.85
CA LEU A 2 -11.08 -11.73 -12.11
C LEU A 2 -10.20 -11.12 -13.19
N GLU A 3 -9.16 -10.40 -12.79
CA GLU A 3 -8.22 -9.71 -13.65
C GLU A 3 -6.81 -10.04 -13.16
N HIS A 4 -5.80 -9.64 -13.93
CA HIS A 4 -4.39 -9.87 -13.61
C HIS A 4 -3.71 -8.52 -13.48
N MET A 5 -3.20 -7.95 -14.58
CA MET A 5 -2.54 -6.64 -14.52
C MET A 5 -3.62 -5.58 -14.28
N ALA A 6 -3.45 -4.76 -13.27
CA ALA A 6 -4.34 -3.67 -12.89
C ALA A 6 -3.44 -2.56 -12.35
N ASP A 7 -3.83 -1.29 -12.49
CA ASP A 7 -3.01 -0.15 -12.02
C ASP A 7 -3.36 0.25 -10.62
N GLU A 8 -4.62 0.04 -10.25
CA GLU A 8 -5.20 0.34 -8.95
C GLU A 8 -4.52 -0.44 -7.82
N GLU A 9 -3.75 -1.45 -8.19
CA GLU A 9 -2.99 -2.34 -7.35
C GLU A 9 -1.62 -1.73 -6.97
N LYS A 10 -1.11 -0.80 -7.78
CA LYS A 10 0.18 -0.14 -7.61
C LYS A 10 0.01 1.15 -6.82
N LEU A 11 0.61 1.18 -5.64
CA LEU A 11 0.54 2.35 -4.77
C LEU A 11 1.17 3.60 -5.41
N PRO A 12 0.73 4.81 -5.02
CA PRO A 12 1.22 6.08 -5.57
C PRO A 12 2.68 6.36 -5.19
N PRO A 13 3.31 7.35 -5.85
CA PRO A 13 4.69 7.72 -5.57
C PRO A 13 4.80 8.17 -4.12
N GLY A 14 5.67 7.50 -3.39
CA GLY A 14 5.97 7.70 -1.99
C GLY A 14 5.36 6.61 -1.14
N TRP A 15 4.22 6.04 -1.55
CA TRP A 15 3.55 5.00 -0.79
C TRP A 15 4.01 3.64 -1.27
N GLU A 16 4.09 2.70 -0.33
CA GLU A 16 4.53 1.35 -0.51
C GLU A 16 3.68 0.39 0.29
N LYS A 17 3.23 -0.69 -0.32
CA LYS A 17 2.42 -1.71 0.35
C LYS A 17 3.31 -2.58 1.23
N ARG A 18 3.04 -2.63 2.53
CA ARG A 18 3.76 -3.39 3.52
C ARG A 18 2.82 -4.36 4.24
N MET A 19 3.36 -5.09 5.21
CA MET A 19 2.65 -6.05 6.05
C MET A 19 3.29 -5.96 7.44
N GLU A 20 2.45 -5.94 8.47
CA GLU A 20 2.91 -5.85 9.84
C GLU A 20 3.38 -7.21 10.30
N ARG A 21 4.66 -7.38 10.60
CA ARG A 21 5.13 -8.67 11.10
C ARG A 21 4.54 -8.92 12.49
N SER A 22 4.15 -7.85 13.21
CA SER A 22 3.59 -7.92 14.55
C SER A 22 2.34 -8.81 14.60
N SER A 23 1.33 -8.52 13.79
CA SER A 23 0.07 -9.26 13.74
C SER A 23 -0.16 -9.97 12.41
N GLY A 24 0.44 -9.49 11.33
CA GLY A 24 0.33 -10.06 10.00
C GLY A 24 -0.83 -9.42 9.29
N ARG A 25 -0.79 -8.10 9.08
CA ARG A 25 -1.87 -7.42 8.38
C ARG A 25 -1.25 -6.50 7.36
N VAL A 26 -1.85 -6.37 6.19
CA VAL A 26 -1.33 -5.53 5.13
C VAL A 26 -1.79 -4.10 5.37
N TYR A 27 -0.99 -3.14 4.93
CA TYR A 27 -1.22 -1.72 5.04
C TYR A 27 -0.30 -1.02 4.03
N TYR A 28 -0.41 0.30 3.92
CA TYR A 28 0.38 1.14 3.02
C TYR A 28 1.30 2.00 3.88
N PHE A 29 2.51 2.32 3.40
CA PHE A 29 3.50 3.10 4.12
C PHE A 29 4.10 4.16 3.21
N ASN A 30 4.09 5.41 3.61
CA ASN A 30 4.63 6.54 2.85
C ASN A 30 6.07 6.80 3.26
N HIS A 31 7.05 6.52 2.41
CA HIS A 31 8.45 6.74 2.75
C HIS A 31 8.82 8.22 2.71
N ILE A 32 7.98 9.08 2.14
CA ILE A 32 8.26 10.51 2.06
C ILE A 32 8.17 11.15 3.44
N THR A 33 7.15 10.80 4.23
CA THR A 33 6.95 11.37 5.55
C THR A 33 6.94 10.30 6.64
N ASN A 34 7.31 9.05 6.32
CA ASN A 34 7.35 7.93 7.27
C ASN A 34 5.95 7.61 7.82
N ALA A 35 4.90 7.94 7.05
CA ALA A 35 3.50 7.72 7.40
C ALA A 35 3.07 6.30 6.97
N SER A 36 1.85 5.92 7.30
CA SER A 36 1.25 4.63 7.00
C SER A 36 -0.26 4.76 7.14
N GLN A 37 -1.02 4.06 6.29
CA GLN A 37 -2.47 4.07 6.29
C GLN A 37 -2.98 2.77 5.70
N TRP A 38 -4.22 2.41 6.03
CA TRP A 38 -4.89 1.21 5.54
C TRP A 38 -5.67 1.56 4.28
N GLU A 39 -6.25 2.76 4.28
CA GLU A 39 -7.04 3.31 3.22
C GLU A 39 -6.14 3.68 2.05
N ARG A 40 -6.50 3.26 0.84
CA ARG A 40 -5.78 3.49 -0.41
C ARG A 40 -5.44 4.99 -0.53
N PRO A 41 -4.15 5.35 -0.52
CA PRO A 41 -3.70 6.73 -0.65
C PRO A 41 -3.70 7.20 -2.10
N SER A 42 -3.35 8.47 -2.28
CA SER A 42 -3.26 9.18 -3.51
C SER A 42 -2.09 10.16 -3.34
N GLY A 43 -1.13 10.05 -4.24
CA GLY A 43 0.06 10.90 -4.30
C GLY A 43 -0.31 12.17 -5.06
N GLY A 1 -14.04 -16.24 -18.49
CA GLY A 1 -12.60 -16.45 -18.68
C GLY A 1 -11.83 -15.26 -18.16
N LEU A 2 -11.93 -14.98 -16.87
CA LEU A 2 -11.26 -13.88 -16.21
C LEU A 2 -9.81 -14.23 -15.94
N GLU A 3 -9.07 -13.27 -15.42
CA GLU A 3 -7.66 -13.36 -15.07
C GLU A 3 -7.40 -12.36 -13.93
N HIS A 4 -6.14 -12.24 -13.52
CA HIS A 4 -5.72 -11.34 -12.46
C HIS A 4 -4.91 -10.24 -13.16
N MET A 5 -5.56 -9.13 -13.52
CA MET A 5 -4.97 -7.99 -14.21
C MET A 5 -5.54 -6.72 -13.57
N ALA A 6 -4.90 -6.28 -12.49
CA ALA A 6 -5.25 -5.09 -11.73
C ALA A 6 -3.95 -4.33 -11.56
N ASP A 7 -3.84 -3.14 -12.12
CA ASP A 7 -2.61 -2.34 -12.05
C ASP A 7 -2.76 -1.19 -11.06
N GLU A 8 -3.99 -0.90 -10.63
CA GLU A 8 -4.24 0.17 -9.66
C GLU A 8 -3.61 -0.17 -8.29
N GLU A 9 -3.13 -1.40 -8.14
CA GLU A 9 -2.44 -1.96 -6.99
C GLU A 9 -1.04 -1.31 -6.85
N LYS A 10 -0.63 -0.48 -7.82
CA LYS A 10 0.62 0.25 -7.83
C LYS A 10 0.39 1.54 -7.06
N LEU A 11 0.76 1.52 -5.78
CA LEU A 11 0.64 2.64 -4.87
C LEU A 11 1.28 3.91 -5.44
N PRO A 12 0.83 5.10 -5.01
CA PRO A 12 1.35 6.36 -5.49
C PRO A 12 2.80 6.60 -5.06
N PRO A 13 3.46 7.61 -5.65
CA PRO A 13 4.82 7.94 -5.30
C PRO A 13 4.86 8.39 -3.84
N GLY A 14 5.78 7.79 -3.11
CA GLY A 14 6.06 8.01 -1.71
C GLY A 14 5.50 6.89 -0.86
N TRP A 15 4.43 6.22 -1.29
CA TRP A 15 3.82 5.13 -0.55
C TRP A 15 4.35 3.79 -1.02
N GLU A 16 4.23 2.80 -0.14
CA GLU A 16 4.65 1.43 -0.31
C GLU A 16 3.67 0.54 0.44
N LYS A 17 3.13 -0.48 -0.21
CA LYS A 17 2.19 -1.42 0.40
C LYS A 17 3.00 -2.50 1.10
N ARG A 18 2.84 -2.64 2.41
CA ARG A 18 3.55 -3.64 3.21
C ARG A 18 2.58 -4.39 4.10
N MET A 19 3.10 -5.28 4.94
CA MET A 19 2.37 -6.10 5.88
C MET A 19 3.08 -5.99 7.23
N GLU A 20 2.31 -6.01 8.32
CA GLU A 20 2.80 -5.92 9.69
C GLU A 20 3.28 -7.27 10.18
N ARG A 21 4.51 -7.40 10.70
CA ARG A 21 4.92 -8.69 11.24
C ARG A 21 4.21 -8.93 12.58
N SER A 22 3.61 -7.92 13.22
CA SER A 22 2.93 -8.06 14.50
C SER A 22 1.86 -9.16 14.41
N SER A 23 0.92 -9.04 13.47
CA SER A 23 -0.15 -10.03 13.27
C SER A 23 -0.36 -10.36 11.79
N GLY A 24 0.32 -9.69 10.86
CA GLY A 24 0.17 -9.98 9.45
C GLY A 24 -0.99 -9.20 8.89
N ARG A 25 -0.98 -7.88 9.01
CA ARG A 25 -2.07 -7.05 8.51
C ARG A 25 -1.48 -6.17 7.43
N VAL A 26 -2.08 -6.17 6.25
CA VAL A 26 -1.58 -5.38 5.12
C VAL A 26 -1.90 -3.91 5.40
N TYR A 27 -1.06 -2.99 4.92
CA TYR A 27 -1.23 -1.55 5.11
C TYR A 27 -0.38 -0.83 4.05
N TYR A 28 -0.38 0.50 4.10
CA TYR A 28 0.41 1.35 3.23
C TYR A 28 1.31 2.22 4.10
N PHE A 29 2.54 2.49 3.67
CA PHE A 29 3.51 3.29 4.41
C PHE A 29 4.12 4.30 3.46
N ASN A 30 4.12 5.57 3.86
CA ASN A 30 4.68 6.68 3.11
C ASN A 30 6.10 6.95 3.59
N HIS A 31 7.11 6.65 2.77
CA HIS A 31 8.51 6.86 3.12
C HIS A 31 8.95 8.33 3.03
N ILE A 32 8.16 9.20 2.41
CA ILE A 32 8.47 10.64 2.27
C ILE A 32 8.22 11.35 3.59
N THR A 33 7.15 10.99 4.30
CA THR A 33 6.80 11.66 5.55
C THR A 33 6.68 10.71 6.74
N ASN A 34 7.06 9.43 6.55
CA ASN A 34 7.01 8.37 7.57
C ASN A 34 5.55 8.11 8.01
N ALA A 35 4.60 8.46 7.14
CA ALA A 35 3.19 8.25 7.39
C ALA A 35 2.86 6.81 7.02
N SER A 36 1.65 6.38 7.32
CA SER A 36 1.12 5.08 7.06
C SER A 36 -0.38 5.12 7.24
N GLN A 37 -1.10 4.36 6.44
CA GLN A 37 -2.53 4.26 6.51
C GLN A 37 -2.95 2.90 5.97
N TRP A 38 -4.20 2.53 6.17
CA TRP A 38 -4.79 1.27 5.74
C TRP A 38 -5.55 1.50 4.44
N GLU A 39 -6.17 2.67 4.29
CA GLU A 39 -6.95 3.10 3.14
C GLU A 39 -6.02 3.54 2.01
N ARG A 40 -6.45 3.35 0.75
CA ARG A 40 -5.66 3.71 -0.43
C ARG A 40 -5.29 5.19 -0.49
N PRO A 41 -3.99 5.53 -0.39
CA PRO A 41 -3.53 6.92 -0.45
C PRO A 41 -3.51 7.44 -1.89
N SER A 42 -3.14 8.72 -2.06
CA SER A 42 -3.05 9.40 -3.33
C SER A 42 -2.00 10.50 -3.24
N GLY A 43 -0.79 10.18 -3.70
CA GLY A 43 0.36 11.07 -3.71
C GLY A 43 0.62 11.62 -2.33
#